data_1EBO
#
_entry.id   1EBO
#
_cell.length_a   171.702
_cell.length_b   32.691
_cell.length_c   168.863
_cell.angle_alpha   90.00
_cell.angle_beta   119.23
_cell.angle_gamma   90.00
#
_symmetry.space_group_name_H-M   'C 1 2 1'
#
loop_
_entity.id
_entity.type
_entity.pdbx_description
1 polymer 'EBOLA VIRUS ENVELOPE PROTEIN CHIMERA CONSISTING OF A FRAGMENT OF GCN4 ZIPPER CLONED N-TERMINAL TO A FRAGMENT OF GP2'
2 non-polymer 'ZINC ION'
3 non-polymer 'CHLORIDE ION'
#
_entity_poly.entity_id   1
_entity_poly.type   'polypeptide(L)'
_entity_poly.pdbx_seq_one_letter_code
;MKQIEDKIEEILSKIYHIENEIARIKKLIGEADGLIEGLRQLANETTQALQLFLRATTELRTFSILNRKAIDFLLQRWGG
TCHILGPDCRIEPHDWTKNITDKIDQIIHDFVDKTLPDQGDNDNWWTGWRQ
;
_entity_poly.pdbx_strand_id   A,B,C,D,E,F
#
# COMPACT_ATOMS: atom_id res chain seq x y z
N GLN A 3 -2.02 -6.53 -10.05
CA GLN A 3 -3.42 -6.04 -9.97
C GLN A 3 -3.48 -4.52 -9.82
N ILE A 4 -2.36 -3.85 -10.06
CA ILE A 4 -2.35 -2.39 -9.97
C ILE A 4 -2.67 -1.98 -11.37
N GLU A 5 -2.06 -2.72 -12.30
CA GLU A 5 -2.23 -2.51 -13.73
C GLU A 5 -3.66 -2.89 -14.09
N ASP A 6 -4.37 -3.48 -13.14
CA ASP A 6 -5.76 -3.84 -13.36
C ASP A 6 -6.63 -2.63 -13.02
N LYS A 7 -6.48 -2.09 -11.81
CA LYS A 7 -7.23 -0.92 -11.40
C LYS A 7 -7.01 0.21 -12.41
N ILE A 8 -5.85 0.21 -13.04
CA ILE A 8 -5.52 1.22 -14.05
C ILE A 8 -6.23 0.97 -15.36
N GLU A 9 -6.63 -0.28 -15.58
CA GLU A 9 -7.31 -0.60 -16.82
C GLU A 9 -8.79 -0.28 -16.67
N GLU A 10 -9.29 -0.37 -15.45
CA GLU A 10 -10.66 -0.06 -15.14
C GLU A 10 -10.88 1.45 -15.11
N ILE A 11 -9.97 2.16 -14.46
CA ILE A 11 -10.03 3.62 -14.38
C ILE A 11 -10.04 4.17 -15.79
N LEU A 12 -9.40 3.44 -16.69
CA LEU A 12 -9.34 3.84 -18.09
C LEU A 12 -10.63 3.56 -18.83
N SER A 13 -11.36 2.54 -18.39
CA SER A 13 -12.63 2.25 -19.04
C SER A 13 -13.66 3.27 -18.61
N LYS A 14 -13.71 3.59 -17.32
CA LYS A 14 -14.65 4.59 -16.86
C LYS A 14 -14.42 5.85 -17.70
N ILE A 15 -13.22 6.41 -17.62
CA ILE A 15 -12.90 7.62 -18.37
C ILE A 15 -13.33 7.55 -19.82
N TYR A 16 -13.35 6.35 -20.40
CA TYR A 16 -13.78 6.21 -21.79
C TYR A 16 -15.29 6.38 -21.90
N HIS A 17 -16.01 5.75 -20.97
CA HIS A 17 -17.47 5.82 -20.97
C HIS A 17 -17.99 7.18 -20.51
N ILE A 18 -17.36 7.80 -19.50
CA ILE A 18 -17.86 9.11 -19.08
C ILE A 18 -17.40 10.15 -20.10
N GLU A 19 -16.61 9.72 -21.09
CA GLU A 19 -16.21 10.64 -22.14
C GLU A 19 -17.26 10.56 -23.23
N ASN A 20 -17.93 9.42 -23.32
CA ASN A 20 -19.00 9.25 -24.30
C ASN A 20 -20.22 10.09 -23.90
N GLU A 21 -20.53 10.12 -22.62
CA GLU A 21 -21.64 10.90 -22.11
C GLU A 21 -21.40 12.37 -22.41
N ILE A 22 -20.29 12.89 -21.93
CA ILE A 22 -19.97 14.29 -22.16
C ILE A 22 -20.29 14.66 -23.62
N ALA A 23 -19.98 13.78 -24.55
CA ALA A 23 -20.24 14.02 -25.96
C ALA A 23 -21.75 14.07 -26.25
N ARG A 24 -22.46 13.02 -25.87
CA ARG A 24 -23.89 12.96 -26.09
C ARG A 24 -24.63 14.11 -25.40
N ILE A 25 -24.19 14.47 -24.19
CA ILE A 25 -24.77 15.59 -23.46
C ILE A 25 -24.57 16.86 -24.29
N LYS A 26 -23.34 17.08 -24.76
CA LYS A 26 -23.10 18.27 -25.58
C LYS A 26 -24.03 18.32 -26.79
N LYS A 27 -24.49 17.15 -27.22
CA LYS A 27 -25.38 17.08 -28.36
C LYS A 27 -26.75 17.68 -28.02
N LEU A 28 -27.21 17.45 -26.79
CA LEU A 28 -28.52 17.96 -26.38
C LEU A 28 -28.46 19.42 -25.90
N ILE A 29 -27.65 19.65 -24.88
CA ILE A 29 -27.50 20.98 -24.28
C ILE A 29 -27.86 22.20 -25.14
N GLY A 30 -27.25 22.32 -26.32
CA GLY A 30 -27.48 23.47 -27.18
C GLY A 30 -28.90 23.99 -27.32
N GLU A 31 -29.83 23.08 -27.52
CA GLU A 31 -31.25 23.45 -27.72
C GLU A 31 -31.99 24.21 -26.62
N ALA A 32 -31.32 24.62 -25.55
CA ALA A 32 -32.10 25.25 -24.48
C ALA A 32 -31.88 26.64 -23.92
N ASP A 33 -30.94 27.43 -24.41
CA ASP A 33 -30.82 28.73 -23.76
C ASP A 33 -31.36 30.01 -24.38
N GLY A 34 -32.19 29.87 -25.39
CA GLY A 34 -32.84 31.03 -25.95
C GLY A 34 -34.17 30.81 -25.28
N LEU A 35 -34.16 29.80 -24.40
CA LEU A 35 -35.33 29.37 -23.65
C LEU A 35 -35.75 30.45 -22.67
N ILE A 36 -34.77 31.20 -22.21
CA ILE A 36 -35.02 32.32 -21.31
C ILE A 36 -35.50 33.49 -22.16
N GLU A 37 -35.18 33.49 -23.44
CA GLU A 37 -35.64 34.55 -24.31
C GLU A 37 -37.06 34.19 -24.80
N GLY A 38 -37.47 32.93 -24.60
CA GLY A 38 -38.79 32.47 -25.03
C GLY A 38 -39.83 32.79 -23.97
N LEU A 39 -39.38 32.83 -22.72
CA LEU A 39 -40.24 33.16 -21.59
C LEU A 39 -40.48 34.67 -21.64
N ARG A 40 -39.44 35.41 -22.00
CA ARG A 40 -39.50 36.87 -22.11
C ARG A 40 -40.36 37.28 -23.28
N GLN A 41 -40.56 36.37 -24.22
CA GLN A 41 -41.34 36.74 -25.38
C GLN A 41 -42.82 36.40 -25.21
N LEU A 42 -43.12 35.33 -24.48
CA LEU A 42 -44.50 34.95 -24.25
C LEU A 42 -45.09 36.06 -23.37
N ALA A 43 -44.32 36.49 -22.38
CA ALA A 43 -44.72 37.55 -21.47
C ALA A 43 -44.87 38.89 -22.19
N ASN A 44 -44.25 39.00 -23.36
CA ASN A 44 -44.33 40.24 -24.12
C ASN A 44 -45.62 40.33 -24.95
N GLU A 45 -45.85 39.32 -25.80
CA GLU A 45 -47.04 39.27 -26.65
C GLU A 45 -48.27 39.25 -25.77
N THR A 46 -48.24 38.38 -24.77
CA THR A 46 -49.34 38.28 -23.83
C THR A 46 -49.67 39.67 -23.30
N THR A 47 -48.64 40.34 -22.80
CA THR A 47 -48.81 41.66 -22.24
C THR A 47 -49.36 42.64 -23.29
N GLN A 48 -49.16 42.34 -24.57
CA GLN A 48 -49.66 43.18 -25.66
C GLN A 48 -51.14 42.95 -25.98
N ALA A 49 -51.54 41.69 -25.91
CA ALA A 49 -52.92 41.34 -26.19
C ALA A 49 -53.77 41.79 -25.01
N LEU A 50 -53.18 41.89 -23.82
CA LEU A 50 -53.93 42.32 -22.65
C LEU A 50 -54.13 43.82 -22.64
N GLN A 51 -53.28 44.56 -23.34
CA GLN A 51 -53.43 46.00 -23.41
C GLN A 51 -54.48 46.39 -24.46
N LEU A 52 -54.71 45.52 -25.44
CA LEU A 52 -55.70 45.79 -26.46
C LEU A 52 -57.10 45.49 -25.89
N PHE A 53 -57.17 44.59 -24.91
CA PHE A 53 -58.44 44.28 -24.28
C PHE A 53 -58.83 45.37 -23.28
N LEU A 54 -57.82 45.96 -22.65
CA LEU A 54 -58.05 47.04 -21.71
C LEU A 54 -58.55 48.23 -22.51
N ARG A 55 -58.05 48.39 -23.73
CA ARG A 55 -58.49 49.50 -24.55
C ARG A 55 -59.94 49.28 -24.93
N ALA A 56 -60.23 48.10 -25.46
CA ALA A 56 -61.58 47.75 -25.88
C ALA A 56 -62.52 47.80 -24.70
N THR A 57 -62.15 47.12 -23.62
CA THR A 57 -62.98 47.10 -22.41
C THR A 57 -63.34 48.46 -21.83
N THR A 58 -62.44 49.43 -21.84
CA THR A 58 -62.80 50.72 -21.28
C THR A 58 -63.68 51.51 -22.24
N GLU A 59 -63.60 51.20 -23.53
CA GLU A 59 -64.45 51.91 -24.49
C GLU A 59 -65.87 51.42 -24.35
N LEU A 60 -66.05 50.14 -24.07
CA LEU A 60 -67.38 49.59 -23.88
C LEU A 60 -68.00 50.15 -22.61
N ARG A 61 -67.20 50.24 -21.55
CA ARG A 61 -67.70 50.75 -20.29
C ARG A 61 -68.18 52.20 -20.42
N THR A 62 -67.37 53.07 -21.00
CA THR A 62 -67.74 54.48 -21.19
C THR A 62 -69.00 54.61 -22.05
N PHE A 63 -68.98 53.98 -23.22
CA PHE A 63 -70.08 54.02 -24.17
C PHE A 63 -71.39 53.52 -23.56
N SER A 64 -71.32 52.46 -22.76
CA SER A 64 -72.51 51.92 -22.14
C SER A 64 -73.01 52.78 -20.98
N ILE A 65 -72.12 53.53 -20.35
CA ILE A 65 -72.51 54.39 -19.23
C ILE A 65 -73.19 55.61 -19.83
N LEU A 66 -72.85 55.89 -21.08
CA LEU A 66 -73.42 57.02 -21.79
C LEU A 66 -74.83 56.66 -22.29
N ASN A 67 -75.08 55.36 -22.52
CA ASN A 67 -76.38 54.91 -22.97
C ASN A 67 -77.35 54.90 -21.79
N ARG A 68 -76.81 54.88 -20.58
CA ARG A 68 -77.67 54.91 -19.41
C ARG A 68 -78.01 56.36 -19.11
N LYS A 69 -77.12 57.27 -19.47
CA LYS A 69 -77.37 58.69 -19.27
C LYS A 69 -78.57 59.10 -20.12
N ALA A 70 -78.66 58.54 -21.33
CA ALA A 70 -79.76 58.82 -22.23
C ALA A 70 -81.01 58.13 -21.70
N ILE A 71 -80.87 56.88 -21.26
CA ILE A 71 -81.99 56.12 -20.73
C ILE A 71 -82.50 56.75 -19.44
N ASP A 72 -81.64 57.49 -18.74
CA ASP A 72 -82.08 58.15 -17.50
C ASP A 72 -82.97 59.33 -17.81
N PHE A 73 -82.67 59.99 -18.91
CA PHE A 73 -83.42 61.15 -19.34
C PHE A 73 -84.82 60.76 -19.82
N LEU A 74 -84.89 59.76 -20.70
CA LEU A 74 -86.17 59.30 -21.24
C LEU A 74 -87.11 58.74 -20.19
N LEU A 75 -86.57 58.10 -19.15
CA LEU A 75 -87.41 57.52 -18.10
C LEU A 75 -87.74 58.46 -16.97
N GLN A 76 -87.43 59.74 -17.14
CA GLN A 76 -87.70 60.73 -16.12
C GLN A 76 -89.22 60.91 -15.98
N ARG A 77 -89.90 60.98 -17.12
CA ARG A 77 -91.35 61.10 -17.17
C ARG A 77 -92.01 59.78 -16.77
N TRP A 78 -91.45 59.12 -15.76
CA TRP A 78 -91.98 57.84 -15.29
C TRP A 78 -91.51 57.51 -13.88
N GLY A 79 -90.87 58.45 -13.22
CA GLY A 79 -90.40 58.17 -11.88
C GLY A 79 -88.91 57.80 -11.89
N GLY A 80 -88.31 57.72 -13.08
CA GLY A 80 -86.89 57.39 -13.19
C GLY A 80 -86.60 55.91 -13.43
N THR A 81 -85.37 55.61 -13.86
CA THR A 81 -84.96 54.24 -14.15
C THR A 81 -85.20 53.36 -12.96
N CYS A 82 -84.82 53.83 -11.77
CA CYS A 82 -84.99 53.01 -10.59
C CYS A 82 -86.42 52.55 -10.45
N HIS A 83 -87.34 53.24 -11.13
CA HIS A 83 -88.74 52.85 -11.07
C HIS A 83 -89.05 51.74 -12.04
N ILE A 84 -88.61 51.91 -13.29
CA ILE A 84 -88.86 50.92 -14.34
C ILE A 84 -88.03 49.67 -14.15
N LEU A 85 -86.82 49.84 -13.63
CA LEU A 85 -85.93 48.71 -13.46
C LEU A 85 -85.88 48.06 -12.08
N GLY A 86 -86.20 48.82 -11.04
CA GLY A 86 -86.12 48.25 -9.71
C GLY A 86 -84.76 48.58 -9.12
N PRO A 87 -84.35 47.92 -8.05
CA PRO A 87 -83.07 48.17 -7.42
C PRO A 87 -81.85 47.91 -8.29
N ASP A 88 -82.01 47.17 -9.38
CA ASP A 88 -80.88 46.93 -10.24
C ASP A 88 -80.45 48.20 -10.94
N CYS A 89 -81.27 49.24 -10.81
CA CYS A 89 -80.99 50.53 -11.38
C CYS A 89 -79.70 51.06 -10.76
N ARG A 90 -79.29 50.48 -9.64
CA ARG A 90 -78.10 50.93 -8.96
C ARG A 90 -76.82 50.28 -9.46
N ILE A 91 -76.94 49.11 -10.07
CA ILE A 91 -75.77 48.40 -10.62
C ILE A 91 -75.12 49.24 -11.70
N GLU A 92 -73.81 49.44 -11.58
CA GLU A 92 -73.08 50.23 -12.57
C GLU A 92 -71.73 49.53 -12.78
N PRO A 93 -71.12 49.69 -13.96
CA PRO A 93 -69.82 49.05 -14.21
C PRO A 93 -68.67 49.80 -13.55
N HIS A 94 -67.82 49.09 -12.79
CA HIS A 94 -66.70 49.74 -12.12
C HIS A 94 -65.60 50.07 -13.09
N ASP A 95 -64.65 50.90 -12.64
CA ASP A 95 -63.54 51.28 -13.49
C ASP A 95 -62.30 50.47 -13.09
N TRP A 96 -62.11 49.33 -13.73
CA TRP A 96 -60.98 48.44 -13.46
C TRP A 96 -59.71 48.82 -14.21
N THR A 97 -59.70 50.01 -14.81
CA THR A 97 -58.54 50.48 -15.55
C THR A 97 -57.23 50.38 -14.78
N LYS A 98 -57.14 51.03 -13.63
CA LYS A 98 -55.91 51.02 -12.79
C LYS A 98 -55.52 49.60 -12.39
N ASN A 99 -56.49 48.87 -11.85
CA ASN A 99 -56.27 47.50 -11.40
C ASN A 99 -55.67 46.66 -12.51
N ILE A 100 -56.35 46.62 -13.65
CA ILE A 100 -55.86 45.83 -14.78
C ILE A 100 -54.53 46.38 -15.27
N THR A 101 -54.37 47.69 -15.24
CA THR A 101 -53.12 48.32 -15.65
C THR A 101 -51.95 47.89 -14.78
N ASP A 102 -52.13 47.94 -13.47
CA ASP A 102 -51.05 47.56 -12.57
C ASP A 102 -50.58 46.12 -12.75
N LYS A 103 -51.50 45.22 -13.07
CA LYS A 103 -51.13 43.83 -13.26
C LYS A 103 -50.35 43.66 -14.56
N ILE A 104 -50.75 44.40 -15.60
CA ILE A 104 -50.05 44.33 -16.88
C ILE A 104 -48.65 44.95 -16.74
N ASP A 105 -48.47 45.85 -15.78
CA ASP A 105 -47.17 46.45 -15.55
C ASP A 105 -46.27 45.52 -14.75
N GLN A 106 -46.88 44.68 -13.96
CA GLN A 106 -46.15 43.73 -13.14
C GLN A 106 -45.52 42.70 -14.09
N ILE A 107 -46.36 42.08 -14.92
CA ILE A 107 -45.90 41.08 -15.87
C ILE A 107 -44.75 41.61 -16.74
N ILE A 108 -44.80 42.90 -17.07
CA ILE A 108 -43.75 43.54 -17.88
C ILE A 108 -42.47 43.65 -17.08
N HIS A 109 -42.50 44.44 -16.02
CA HIS A 109 -41.34 44.63 -15.16
C HIS A 109 -40.68 43.30 -14.76
N ASP A 110 -41.49 42.38 -14.26
CA ASP A 110 -41.01 41.07 -13.84
C ASP A 110 -40.43 40.19 -14.95
N PHE A 111 -41.02 40.22 -16.15
CA PHE A 111 -40.53 39.35 -17.21
C PHE A 111 -39.98 39.99 -18.49
N VAL A 112 -40.64 41.02 -19.02
CA VAL A 112 -40.17 41.65 -20.26
C VAL A 112 -39.02 42.61 -20.03
N ASP A 113 -39.21 43.45 -19.03
CA ASP A 113 -38.17 44.41 -18.75
C ASP A 113 -37.11 43.72 -17.92
N LYS A 114 -37.29 43.01 -17.05
CA LYS A 114 -36.34 42.25 -16.25
C LYS A 114 -35.08 41.94 -17.08
N GLN B 3 7.06 2.98 -16.27
CA GLN B 3 6.00 3.58 -17.12
C GLN B 3 4.59 3.27 -16.60
N ILE B 4 4.48 2.99 -15.30
CA ILE B 4 3.19 2.72 -14.69
C ILE B 4 2.82 4.12 -14.23
N GLU B 5 3.84 4.79 -13.72
CA GLU B 5 3.77 6.14 -13.21
C GLU B 5 3.51 7.07 -14.38
N ASP B 6 3.67 6.54 -15.59
CA ASP B 6 3.39 7.33 -16.78
C ASP B 6 1.89 7.28 -17.07
N LYS B 7 1.35 6.07 -17.21
CA LYS B 7 -0.07 5.91 -17.47
C LYS B 7 -0.89 6.63 -16.40
N ILE B 8 -0.32 6.76 -15.21
CA ILE B 8 -1.02 7.45 -14.13
C ILE B 8 -0.93 8.96 -14.27
N GLU B 9 0.03 9.43 -15.05
CA GLU B 9 0.11 10.86 -15.19
C GLU B 9 -0.76 11.30 -16.36
N GLU B 10 -1.03 10.37 -17.27
CA GLU B 10 -1.90 10.65 -18.40
C GLU B 10 -3.37 10.54 -17.93
N ILE B 11 -3.68 9.52 -17.14
CA ILE B 11 -5.04 9.37 -16.60
C ILE B 11 -5.37 10.61 -15.81
N LEU B 12 -4.35 11.22 -15.22
CA LEU B 12 -4.54 12.44 -14.45
C LEU B 12 -4.77 13.67 -15.34
N SER B 13 -4.20 13.67 -16.54
CA SER B 13 -4.40 14.77 -17.46
C SER B 13 -5.82 14.72 -18.00
N LYS B 14 -6.27 13.52 -18.41
CA LYS B 14 -7.64 13.34 -18.89
C LYS B 14 -8.56 13.98 -17.87
N ILE B 15 -8.58 13.37 -16.69
CA ILE B 15 -9.41 13.82 -15.60
C ILE B 15 -9.38 15.33 -15.40
N TYR B 16 -8.24 15.94 -15.68
CA TYR B 16 -8.13 17.40 -15.55
C TYR B 16 -8.92 18.11 -16.66
N HIS B 17 -8.79 17.58 -17.87
CA HIS B 17 -9.47 18.16 -19.01
C HIS B 17 -10.98 17.85 -19.05
N ILE B 18 -11.38 16.64 -18.66
CA ILE B 18 -12.81 16.36 -18.68
C ILE B 18 -13.44 17.01 -17.46
N GLU B 19 -12.61 17.63 -16.61
CA GLU B 19 -13.11 18.35 -15.43
C GLU B 19 -13.39 19.77 -15.91
N ASN B 20 -12.66 20.21 -16.92
CA ASN B 20 -12.83 21.52 -17.51
C ASN B 20 -14.16 21.61 -18.25
N GLU B 21 -14.47 20.56 -18.99
CA GLU B 21 -15.70 20.47 -19.75
C GLU B 21 -16.88 20.53 -18.80
N ILE B 22 -16.92 19.60 -17.85
CA ILE B 22 -18.00 19.56 -16.87
C ILE B 22 -18.33 21.00 -16.44
N ALA B 23 -17.30 21.80 -16.19
CA ALA B 23 -17.53 23.18 -15.75
C ALA B 23 -18.15 24.03 -16.86
N ARG B 24 -17.54 24.05 -18.04
CA ARG B 24 -18.09 24.80 -19.19
C ARG B 24 -19.55 24.41 -19.47
N ILE B 25 -19.80 23.10 -19.47
CA ILE B 25 -21.14 22.59 -19.69
C ILE B 25 -22.07 23.19 -18.69
N LYS B 26 -21.73 23.08 -17.41
CA LYS B 26 -22.58 23.61 -16.38
C LYS B 26 -22.87 25.08 -16.63
N LYS B 27 -21.97 25.76 -17.32
CA LYS B 27 -22.18 27.17 -17.63
C LYS B 27 -23.32 27.37 -18.63
N LEU B 28 -23.41 26.52 -19.64
CA LEU B 28 -24.48 26.68 -20.60
C LEU B 28 -25.79 26.22 -19.95
N ILE B 29 -25.86 24.96 -19.58
CA ILE B 29 -27.05 24.41 -18.94
C ILE B 29 -27.33 25.05 -17.58
N GLY B 30 -26.72 26.21 -17.31
CA GLY B 30 -26.91 26.90 -16.04
C GLY B 30 -28.21 27.66 -15.83
N GLU B 31 -28.66 28.42 -16.84
CA GLU B 31 -29.90 29.21 -16.74
C GLU B 31 -31.10 28.32 -17.04
N ALA B 32 -31.49 27.48 -16.09
CA ALA B 32 -32.62 26.58 -16.35
C ALA B 32 -33.45 26.06 -15.18
N ASP B 33 -33.06 26.39 -13.95
CA ASP B 33 -33.76 25.90 -12.76
C ASP B 33 -35.11 26.57 -12.55
N GLY B 34 -35.06 27.84 -12.15
CA GLY B 34 -36.27 28.59 -11.90
C GLY B 34 -36.95 28.93 -13.21
N LEU B 35 -36.28 28.62 -14.31
CA LEU B 35 -36.85 28.91 -15.60
C LEU B 35 -38.22 28.22 -15.60
N ILE B 36 -38.40 27.27 -14.70
CA ILE B 36 -39.67 26.56 -14.55
C ILE B 36 -40.50 27.40 -13.58
N GLU B 37 -39.82 27.92 -12.57
CA GLU B 37 -40.42 28.78 -11.54
C GLU B 37 -40.87 30.10 -12.18
N GLY B 38 -40.18 30.48 -13.25
CA GLY B 38 -40.52 31.70 -13.97
C GLY B 38 -41.72 31.41 -14.85
N LEU B 39 -41.90 30.13 -15.20
CA LEU B 39 -43.03 29.72 -16.03
C LEU B 39 -44.26 29.67 -15.12
N ARG B 40 -44.06 29.26 -13.87
CA ARG B 40 -45.13 29.20 -12.89
C ARG B 40 -45.57 30.59 -12.47
N GLN B 41 -44.73 31.59 -12.71
CA GLN B 41 -45.09 32.95 -12.32
C GLN B 41 -45.77 33.70 -13.46
N LEU B 42 -45.41 33.36 -14.70
CA LEU B 42 -46.01 34.02 -15.84
C LEU B 42 -47.46 33.56 -15.87
N ALA B 43 -47.65 32.26 -15.63
CA ALA B 43 -48.97 31.67 -15.61
C ALA B 43 -49.79 32.15 -14.41
N ASN B 44 -49.14 32.74 -13.42
CA ASN B 44 -49.88 33.21 -12.27
C ASN B 44 -50.41 34.63 -12.51
N GLU B 45 -49.52 35.56 -12.86
CA GLU B 45 -49.89 36.95 -13.13
C GLU B 45 -50.91 36.97 -14.28
N THR B 46 -50.61 36.23 -15.35
CA THR B 46 -51.53 36.14 -16.50
C THR B 46 -52.91 35.72 -16.00
N THR B 47 -52.95 34.64 -15.24
CA THR B 47 -54.21 34.14 -14.72
C THR B 47 -54.90 35.18 -13.84
N GLN B 48 -54.13 36.13 -13.31
CA GLN B 48 -54.68 37.19 -12.48
C GLN B 48 -55.30 38.32 -13.29
N ALA B 49 -54.64 38.69 -14.38
CA ALA B 49 -55.15 39.74 -15.24
C ALA B 49 -56.36 39.22 -16.01
N LEU B 50 -56.44 37.90 -16.19
CA LEU B 50 -57.58 37.32 -16.89
C LEU B 50 -58.83 37.28 -16.02
N GLN B 51 -58.63 37.26 -14.70
CA GLN B 51 -59.76 37.24 -13.79
C GLN B 51 -60.31 38.64 -13.59
N LEU B 52 -59.50 39.67 -13.84
CA LEU B 52 -59.97 41.05 -13.73
C LEU B 52 -60.77 41.41 -14.98
N PHE B 53 -60.49 40.73 -16.09
CA PHE B 53 -61.21 40.99 -17.31
C PHE B 53 -62.57 40.29 -17.27
N LEU B 54 -62.62 39.13 -16.64
CA LEU B 54 -63.86 38.38 -16.51
C LEU B 54 -64.76 39.19 -15.58
N ARG B 55 -64.15 39.86 -14.61
CA ARG B 55 -64.86 40.70 -13.67
C ARG B 55 -65.54 41.82 -14.47
N ALA B 56 -64.72 42.62 -15.13
CA ALA B 56 -65.17 43.74 -15.91
C ALA B 56 -66.15 43.30 -16.99
N THR B 57 -65.77 42.27 -17.74
CA THR B 57 -66.60 41.79 -18.81
C THR B 57 -68.01 41.37 -18.41
N THR B 58 -68.16 40.74 -17.26
CA THR B 58 -69.50 40.33 -16.84
C THR B 58 -70.30 41.53 -16.33
N GLU B 59 -69.62 42.58 -15.85
CA GLU B 59 -70.31 43.77 -15.39
C GLU B 59 -70.89 44.51 -16.59
N LEU B 60 -70.13 44.56 -17.69
CA LEU B 60 -70.61 45.22 -18.90
C LEU B 60 -71.79 44.47 -19.50
N ARG B 61 -71.74 43.14 -19.47
CA ARG B 61 -72.82 42.37 -20.03
C ARG B 61 -74.12 42.61 -19.27
N THR B 62 -74.07 42.48 -17.94
CA THR B 62 -75.28 42.69 -17.13
C THR B 62 -75.85 44.09 -17.30
N PHE B 63 -75.00 45.09 -17.14
CA PHE B 63 -75.37 46.49 -17.25
C PHE B 63 -75.99 46.81 -18.60
N SER B 64 -75.44 46.26 -19.67
CA SER B 64 -75.98 46.52 -21.00
C SER B 64 -77.26 45.75 -21.27
N ILE B 65 -77.46 44.63 -20.60
CA ILE B 65 -78.68 43.86 -20.80
C ILE B 65 -79.80 44.60 -20.05
N LEU B 66 -79.39 45.36 -19.03
CA LEU B 66 -80.30 46.15 -18.25
C LEU B 66 -80.74 47.40 -19.04
N ASN B 67 -79.87 47.88 -19.93
CA ASN B 67 -80.19 49.06 -20.75
C ASN B 67 -81.15 48.67 -21.86
N ARG B 68 -81.23 47.37 -22.16
CA ARG B 68 -82.13 46.88 -23.20
C ARG B 68 -83.50 46.68 -22.56
N LYS B 69 -83.51 46.37 -21.27
CA LYS B 69 -84.77 46.19 -20.55
C LYS B 69 -85.51 47.53 -20.51
N ALA B 70 -84.74 48.61 -20.36
CA ALA B 70 -85.31 49.93 -20.33
C ALA B 70 -85.75 50.32 -21.75
N ILE B 71 -84.91 50.02 -22.72
CA ILE B 71 -85.19 50.32 -24.12
C ILE B 71 -86.38 49.51 -24.62
N ASP B 72 -86.63 48.36 -24.01
CA ASP B 72 -87.75 47.55 -24.45
C ASP B 72 -89.05 48.16 -23.95
N PHE B 73 -88.99 48.79 -22.79
CA PHE B 73 -90.14 49.45 -22.17
C PHE B 73 -90.56 50.68 -23.01
N LEU B 74 -89.59 51.55 -23.28
CA LEU B 74 -89.81 52.77 -24.05
C LEU B 74 -90.32 52.52 -25.47
N LEU B 75 -89.87 51.44 -26.10
CA LEU B 75 -90.29 51.14 -27.48
C LEU B 75 -91.57 50.31 -27.57
N GLN B 76 -92.26 50.12 -26.46
CA GLN B 76 -93.49 49.35 -26.44
C GLN B 76 -94.55 50.10 -27.24
N ARG B 77 -94.62 51.39 -26.97
CA ARG B 77 -95.55 52.28 -27.63
C ARG B 77 -95.10 52.50 -29.09
N TRP B 78 -94.57 51.47 -29.72
CA TRP B 78 -94.07 51.55 -31.11
C TRP B 78 -93.99 50.22 -31.83
N GLY B 79 -94.54 49.19 -31.21
CA GLY B 79 -94.49 47.86 -31.81
C GLY B 79 -93.34 47.02 -31.26
N GLY B 80 -92.57 47.61 -30.35
CA GLY B 80 -91.43 46.92 -29.76
C GLY B 80 -90.10 47.16 -30.43
N THR B 81 -89.02 46.80 -29.75
CA THR B 81 -87.66 46.95 -30.28
C THR B 81 -87.52 46.27 -31.63
N CYS B 82 -87.97 45.03 -31.72
CA CYS B 82 -87.88 44.30 -32.99
C CYS B 82 -88.51 45.08 -34.14
N HIS B 83 -89.29 46.08 -33.78
CA HIS B 83 -89.96 46.89 -34.77
C HIS B 83 -89.05 48.03 -35.21
N ILE B 84 -88.44 48.70 -34.24
CA ILE B 84 -87.57 49.82 -34.53
C ILE B 84 -86.19 49.36 -34.98
N LEU B 85 -85.75 48.20 -34.50
CA LEU B 85 -84.43 47.72 -34.86
C LEU B 85 -84.34 46.71 -35.99
N GLY B 86 -85.40 45.94 -36.22
CA GLY B 86 -85.34 44.94 -37.27
C GLY B 86 -85.00 43.61 -36.63
N PRO B 87 -84.44 42.62 -37.36
CA PRO B 87 -84.10 41.31 -36.80
C PRO B 87 -82.94 41.38 -35.82
N ASP B 88 -82.19 42.48 -35.84
CA ASP B 88 -81.06 42.59 -34.92
C ASP B 88 -81.54 42.62 -33.47
N CYS B 89 -82.84 42.83 -33.32
CA CYS B 89 -83.45 42.88 -32.00
C CYS B 89 -83.27 41.55 -31.33
N ARG B 90 -82.92 40.54 -32.11
CA ARG B 90 -82.72 39.19 -31.58
C ARG B 90 -81.29 38.98 -31.02
N ILE B 91 -80.32 39.74 -31.52
CA ILE B 91 -78.97 39.60 -31.02
C ILE B 91 -78.86 39.94 -29.54
N GLU B 92 -78.24 39.06 -28.76
CA GLU B 92 -78.05 39.33 -27.35
C GLU B 92 -76.70 38.76 -26.97
N PRO B 93 -76.04 39.32 -25.95
CA PRO B 93 -74.74 38.78 -25.61
C PRO B 93 -74.84 37.53 -24.77
N HIS B 94 -74.08 36.50 -25.16
CA HIS B 94 -74.07 35.21 -24.45
C HIS B 94 -73.39 35.34 -23.09
N ASP B 95 -73.52 34.30 -22.26
CA ASP B 95 -72.89 34.32 -20.96
C ASP B 95 -71.67 33.39 -21.00
N TRP B 96 -70.51 33.98 -21.33
CA TRP B 96 -69.25 33.22 -21.44
C TRP B 96 -68.54 33.03 -20.11
N THR B 97 -69.24 33.33 -19.03
CA THR B 97 -68.67 33.22 -17.69
C THR B 97 -68.04 31.87 -17.39
N LYS B 98 -68.81 30.79 -17.50
CA LYS B 98 -68.26 29.47 -17.20
C LYS B 98 -67.15 29.05 -18.14
N ASN B 99 -67.37 29.25 -19.44
CA ASN B 99 -66.37 28.89 -20.43
C ASN B 99 -65.04 29.56 -20.12
N ILE B 100 -65.06 30.88 -19.99
CA ILE B 100 -63.87 31.64 -19.68
C ILE B 100 -63.30 31.20 -18.33
N THR B 101 -64.19 30.92 -17.38
CA THR B 101 -63.78 30.46 -16.04
C THR B 101 -63.02 29.14 -16.10
N ASP B 102 -63.57 28.17 -16.82
CA ASP B 102 -62.93 26.86 -16.92
C ASP B 102 -61.53 26.93 -17.54
N LYS B 103 -61.31 27.83 -18.50
CA LYS B 103 -59.99 27.93 -19.12
C LYS B 103 -59.02 28.56 -18.14
N ILE B 104 -59.49 29.54 -17.36
CA ILE B 104 -58.65 30.18 -16.36
C ILE B 104 -58.27 29.18 -15.26
N ASP B 105 -59.13 28.18 -15.04
CA ASP B 105 -58.86 27.19 -14.01
C ASP B 105 -57.88 26.15 -14.52
N GLN B 106 -57.87 25.94 -15.83
CA GLN B 106 -56.99 24.97 -16.43
C GLN B 106 -55.56 25.53 -16.32
N ILE B 107 -55.37 26.75 -16.80
CA ILE B 107 -54.08 27.44 -16.72
C ILE B 107 -53.49 27.37 -15.32
N ILE B 108 -54.35 27.51 -14.32
CA ILE B 108 -53.90 27.46 -12.92
C ILE B 108 -53.48 26.05 -12.52
N HIS B 109 -54.43 25.12 -12.56
CA HIS B 109 -54.14 23.75 -12.21
C HIS B 109 -52.90 23.22 -12.93
N ASP B 110 -52.88 23.39 -14.24
CA ASP B 110 -51.76 22.94 -15.07
C ASP B 110 -50.42 23.60 -14.76
N PHE B 111 -50.41 24.91 -14.50
CA PHE B 111 -49.14 25.60 -14.29
C PHE B 111 -48.87 26.21 -12.91
N VAL B 112 -49.84 26.92 -12.32
CA VAL B 112 -49.56 27.53 -11.03
C VAL B 112 -49.67 26.61 -9.81
N ASP B 113 -50.62 25.70 -9.76
CA ASP B 113 -50.64 24.82 -8.60
C ASP B 113 -49.51 23.81 -8.71
N LYS B 114 -48.95 23.70 -9.90
CA LYS B 114 -47.82 22.83 -10.18
C LYS B 114 -46.66 23.75 -10.52
N GLN C 3 2.80 4.97 -2.55
CA GLN C 3 1.92 6.14 -2.84
C GLN C 3 1.53 6.19 -4.31
N ILE C 4 1.56 5.04 -4.98
CA ILE C 4 1.16 4.95 -6.37
C ILE C 4 -0.32 4.61 -6.20
N GLU C 5 -0.54 3.73 -5.24
CA GLU C 5 -1.86 3.24 -4.89
C GLU C 5 -2.64 4.39 -4.24
N ASP C 6 -1.94 5.49 -4.00
CA ASP C 6 -2.56 6.68 -3.43
C ASP C 6 -3.14 7.50 -4.57
N LYS C 7 -2.29 7.85 -5.54
CA LYS C 7 -2.73 8.61 -6.71
C LYS C 7 -3.88 7.91 -7.41
N ILE C 8 -3.92 6.59 -7.27
CA ILE C 8 -4.97 5.81 -7.89
C ILE C 8 -6.25 5.83 -7.06
N GLU C 9 -6.14 6.21 -5.80
CA GLU C 9 -7.34 6.29 -4.99
C GLU C 9 -7.96 7.68 -5.18
N GLU C 10 -7.13 8.65 -5.52
CA GLU C 10 -7.61 10.02 -5.75
C GLU C 10 -8.23 10.07 -7.15
N ILE C 11 -7.55 9.49 -8.13
CA ILE C 11 -8.07 9.46 -9.50
C ILE C 11 -9.45 8.82 -9.47
N LEU C 12 -9.64 7.91 -8.53
CA LEU C 12 -10.92 7.23 -8.38
C LEU C 12 -11.96 8.10 -7.72
N SER C 13 -11.56 9.01 -6.85
CA SER C 13 -12.56 9.85 -6.23
C SER C 13 -13.01 10.91 -7.22
N LYS C 14 -12.07 11.46 -7.99
CA LYS C 14 -12.48 12.45 -8.98
C LYS C 14 -13.54 11.81 -9.86
N ILE C 15 -13.17 10.73 -10.53
CA ILE C 15 -14.09 10.02 -11.40
C ILE C 15 -15.46 9.78 -10.75
N TYR C 16 -15.47 9.64 -9.43
CA TYR C 16 -16.69 9.42 -8.66
C TYR C 16 -17.51 10.72 -8.68
N HIS C 17 -16.86 11.84 -8.37
CA HIS C 17 -17.52 13.14 -8.35
C HIS C 17 -17.89 13.68 -9.72
N ILE C 18 -17.03 13.51 -10.71
CA ILE C 18 -17.38 14.04 -12.01
C ILE C 18 -18.41 13.10 -12.65
N GLU C 19 -18.71 12.00 -11.96
CA GLU C 19 -19.75 11.07 -12.44
C GLU C 19 -21.08 11.58 -11.88
N ASN C 20 -21.02 12.22 -10.72
CA ASN C 20 -22.22 12.78 -10.09
C ASN C 20 -22.73 13.97 -10.89
N GLU C 21 -21.81 14.81 -11.35
CA GLU C 21 -22.16 15.98 -12.14
C GLU C 21 -22.87 15.52 -13.40
N ILE C 22 -22.21 14.67 -14.19
CA ILE C 22 -22.81 14.16 -15.41
C ILE C 22 -24.27 13.81 -15.18
N ALA C 23 -24.56 13.16 -14.05
CA ALA C 23 -25.94 12.79 -13.73
C ALA C 23 -26.82 14.03 -13.54
N ARG C 24 -26.42 14.89 -12.62
CA ARG C 24 -27.12 16.13 -12.33
C ARG C 24 -27.36 16.96 -13.59
N ILE C 25 -26.33 17.10 -14.41
CA ILE C 25 -26.44 17.85 -15.65
C ILE C 25 -27.49 17.21 -16.53
N LYS C 26 -27.44 15.89 -16.69
CA LYS C 26 -28.42 15.21 -17.52
C LYS C 26 -29.83 15.50 -17.02
N LYS C 27 -29.93 15.81 -15.74
CA LYS C 27 -31.24 16.14 -15.15
C LYS C 27 -31.76 17.48 -15.69
N LEU C 28 -30.88 18.47 -15.81
CA LEU C 28 -31.25 19.78 -16.33
C LEU C 28 -31.48 19.65 -17.82
N ILE C 29 -30.53 19.01 -18.50
CA ILE C 29 -30.65 18.82 -19.94
C ILE C 29 -31.94 18.04 -20.18
N GLY C 30 -32.52 17.56 -19.08
CA GLY C 30 -33.78 16.84 -19.16
C GLY C 30 -34.91 17.71 -18.65
N GLU C 31 -34.54 18.75 -17.90
CA GLU C 31 -35.54 19.67 -17.37
C GLU C 31 -36.02 20.53 -18.54
N ALA C 32 -35.16 21.46 -18.96
CA ALA C 32 -35.44 22.39 -20.07
C ALA C 32 -36.30 21.84 -21.22
N ASP C 33 -36.44 20.52 -21.32
CA ASP C 33 -37.29 19.95 -22.34
C ASP C 33 -38.68 20.27 -21.82
N GLY C 34 -38.86 20.00 -20.54
CA GLY C 34 -40.13 20.28 -19.88
C GLY C 34 -40.51 21.74 -20.06
N LEU C 35 -39.59 22.65 -19.77
CA LEU C 35 -39.85 24.08 -19.92
C LEU C 35 -40.13 24.46 -21.36
N ILE C 36 -39.41 23.84 -22.30
CA ILE C 36 -39.62 24.12 -23.71
C ILE C 36 -41.04 23.75 -24.05
N GLU C 37 -41.44 22.53 -23.69
CA GLU C 37 -42.79 22.03 -23.94
C GLU C 37 -43.81 22.90 -23.18
N GLY C 38 -43.63 22.98 -21.87
CA GLY C 38 -44.53 23.73 -21.00
C GLY C 38 -44.76 25.17 -21.42
N LEU C 39 -43.80 25.69 -22.18
CA LEU C 39 -43.86 27.05 -22.69
C LEU C 39 -44.89 27.06 -23.83
N ARG C 40 -44.89 26.00 -24.64
CA ARG C 40 -45.83 25.91 -25.76
C ARG C 40 -47.22 25.60 -25.27
N GLN C 41 -47.36 25.20 -24.01
CA GLN C 41 -48.67 24.91 -23.51
C GLN C 41 -49.29 26.13 -22.81
N LEU C 42 -48.45 26.95 -22.17
CA LEU C 42 -48.98 28.15 -21.50
C LEU C 42 -49.45 29.07 -22.63
N ALA C 43 -48.67 29.13 -23.70
CA ALA C 43 -49.00 29.94 -24.86
C ALA C 43 -50.25 29.41 -25.58
N ASN C 44 -50.62 28.17 -25.32
CA ASN C 44 -51.80 27.61 -25.98
C ASN C 44 -53.07 27.94 -25.22
N GLU C 45 -53.11 27.57 -23.93
CA GLU C 45 -54.25 27.84 -23.06
C GLU C 45 -54.51 29.35 -23.06
N THR C 46 -53.46 30.14 -22.84
CA THR C 46 -53.59 31.60 -22.82
C THR C 46 -54.26 32.04 -24.10
N THR C 47 -53.73 31.57 -25.23
CA THR C 47 -54.26 31.96 -26.52
C THR C 47 -55.74 31.56 -26.65
N GLN C 48 -56.15 30.57 -25.86
CA GLN C 48 -57.54 30.08 -25.87
C GLN C 48 -58.47 30.96 -25.05
N ALA C 49 -58.00 31.39 -23.89
CA ALA C 49 -58.80 32.25 -23.04
C ALA C 49 -58.92 33.64 -23.67
N LEU C 50 -57.95 34.00 -24.50
CA LEU C 50 -57.96 35.30 -25.17
C LEU C 50 -58.95 35.33 -26.32
N GLN C 51 -59.23 34.17 -26.88
CA GLN C 51 -60.19 34.05 -27.97
C GLN C 51 -61.63 34.08 -27.44
N LEU C 52 -61.82 33.63 -26.21
CA LEU C 52 -63.15 33.66 -25.60
C LEU C 52 -63.49 35.09 -25.17
N PHE C 53 -62.47 35.90 -24.87
CA PHE C 53 -62.71 37.28 -24.49
C PHE C 53 -63.00 38.12 -25.73
N LEU C 54 -62.38 37.77 -26.85
CA LEU C 54 -62.59 38.47 -28.10
C LEU C 54 -64.02 38.18 -28.53
N ARG C 55 -64.46 36.96 -28.25
CA ARG C 55 -65.82 36.57 -28.60
C ARG C 55 -66.80 37.40 -27.78
N ALA C 56 -66.65 37.35 -26.46
CA ALA C 56 -67.50 38.08 -25.54
C ALA C 56 -67.42 39.58 -25.82
N THR C 57 -66.22 40.11 -25.91
CA THR C 57 -66.04 41.54 -26.16
C THR C 57 -66.68 42.07 -27.43
N THR C 58 -66.69 41.31 -28.51
CA THR C 58 -67.32 41.85 -29.71
C THR C 58 -68.85 41.72 -29.63
N GLU C 59 -69.35 40.80 -28.82
CA GLU C 59 -70.80 40.69 -28.68
C GLU C 59 -71.31 41.88 -27.86
N LEU C 60 -70.52 42.32 -26.88
CA LEU C 60 -70.91 43.45 -26.07
C LEU C 60 -70.89 44.71 -26.92
N ARG C 61 -69.87 44.85 -27.75
CA ARG C 61 -69.75 46.03 -28.58
C ARG C 61 -70.94 46.16 -29.55
N THR C 62 -71.27 45.08 -30.25
CA THR C 62 -72.40 45.10 -31.19
C THR C 62 -73.72 45.40 -30.47
N PHE C 63 -74.00 44.63 -29.42
CA PHE C 63 -75.22 44.77 -28.63
C PHE C 63 -75.40 46.18 -28.09
N SER C 64 -74.31 46.80 -27.64
CA SER C 64 -74.41 48.14 -27.08
C SER C 64 -74.52 49.19 -28.17
N ILE C 65 -74.01 48.90 -29.36
CA ILE C 65 -74.12 49.86 -30.49
C ILE C 65 -75.61 49.84 -30.93
N LEU C 66 -76.25 48.68 -30.75
CA LEU C 66 -77.65 48.52 -31.09
C LEU C 66 -78.55 49.23 -30.09
N ASN C 67 -78.12 49.37 -28.84
CA ASN C 67 -78.92 50.06 -27.83
C ASN C 67 -78.82 51.56 -28.05
N ARG C 68 -77.82 52.00 -28.79
CA ARG C 68 -77.71 53.41 -29.07
C ARG C 68 -78.54 53.74 -30.30
N LYS C 69 -78.74 52.73 -31.15
CA LYS C 69 -79.53 52.93 -32.35
C LYS C 69 -80.98 53.16 -31.87
N ALA C 70 -81.39 52.46 -30.83
CA ALA C 70 -82.73 52.61 -30.27
C ALA C 70 -82.82 53.94 -29.54
N ILE C 71 -81.78 54.25 -28.76
CA ILE C 71 -81.75 55.51 -28.02
C ILE C 71 -81.70 56.71 -28.98
N ASP C 72 -81.21 56.49 -30.19
CA ASP C 72 -81.14 57.57 -31.17
C ASP C 72 -82.53 57.90 -31.69
N PHE C 73 -83.35 56.86 -31.81
CA PHE C 73 -84.72 56.98 -32.31
C PHE C 73 -85.59 57.72 -31.29
N LEU C 74 -85.57 57.25 -30.05
CA LEU C 74 -86.33 57.84 -28.96
C LEU C 74 -86.01 59.31 -28.70
N LEU C 75 -84.75 59.68 -28.83
CA LEU C 75 -84.32 61.08 -28.59
C LEU C 75 -84.47 62.00 -29.79
N GLN C 76 -85.12 61.54 -30.86
CA GLN C 76 -85.26 62.36 -32.05
C GLN C 76 -86.18 63.53 -31.73
N ARG C 77 -87.21 63.22 -30.94
CA ARG C 77 -88.19 64.20 -30.49
C ARG C 77 -87.61 65.04 -29.35
N TRP C 78 -86.32 65.37 -29.45
CA TRP C 78 -85.65 66.16 -28.41
C TRP C 78 -84.42 66.87 -28.91
N GLY C 79 -84.17 66.81 -30.21
CA GLY C 79 -83.01 67.46 -30.76
C GLY C 79 -81.93 66.43 -31.00
N GLY C 80 -82.21 65.19 -30.60
CA GLY C 80 -81.26 64.10 -30.80
C GLY C 80 -80.33 63.82 -29.64
N THR C 81 -79.65 62.68 -29.69
CA THR C 81 -78.72 62.31 -28.63
C THR C 81 -77.71 63.39 -28.35
N CYS C 82 -77.08 63.93 -29.39
CA CYS C 82 -76.09 64.98 -29.18
C CYS C 82 -76.63 66.15 -28.41
N HIS C 83 -77.95 66.20 -28.28
CA HIS C 83 -78.56 67.30 -27.57
C HIS C 83 -78.67 66.94 -26.09
N ILE C 84 -79.13 65.73 -25.84
CA ILE C 84 -79.32 65.23 -24.48
C ILE C 84 -78.00 64.87 -23.81
N LEU C 85 -77.03 64.40 -24.60
CA LEU C 85 -75.75 63.97 -24.03
C LEU C 85 -74.58 64.94 -24.13
N GLY C 86 -74.62 65.86 -25.09
CA GLY C 86 -73.52 66.78 -25.27
C GLY C 86 -72.58 66.21 -26.32
N PRO C 87 -71.33 66.67 -26.38
CA PRO C 87 -70.34 66.19 -27.34
C PRO C 87 -69.99 64.72 -27.16
N ASP C 88 -70.28 64.14 -26.00
CA ASP C 88 -69.96 62.72 -25.78
C ASP C 88 -70.79 61.85 -26.70
N CYS C 89 -71.75 62.49 -27.37
CA CYS C 89 -72.64 61.79 -28.28
C CYS C 89 -71.81 61.28 -29.45
N ARG C 90 -70.59 61.79 -29.58
CA ARG C 90 -69.68 61.39 -30.65
C ARG C 90 -68.87 60.14 -30.36
N ILE C 91 -68.63 59.89 -29.08
CA ILE C 91 -67.90 58.72 -28.62
C ILE C 91 -68.57 57.42 -29.07
N GLU C 92 -67.80 56.55 -29.72
CA GLU C 92 -68.32 55.24 -30.15
C GLU C 92 -67.20 54.22 -29.94
N PRO C 93 -67.53 52.95 -29.63
CA PRO C 93 -66.50 51.94 -29.39
C PRO C 93 -65.83 51.52 -30.71
N HIS C 94 -64.51 51.48 -30.74
CA HIS C 94 -63.75 51.12 -31.92
C HIS C 94 -63.81 49.60 -32.16
N ASP C 95 -63.45 49.16 -33.36
CA ASP C 95 -63.50 47.74 -33.64
C ASP C 95 -62.07 47.19 -33.60
N TRP C 96 -61.70 46.67 -32.44
CA TRP C 96 -60.36 46.12 -32.19
C TRP C 96 -60.26 44.65 -32.61
N THR C 97 -61.24 44.17 -33.36
CA THR C 97 -61.23 42.78 -33.75
C THR C 97 -59.97 42.34 -34.50
N LYS C 98 -59.57 43.05 -35.56
CA LYS C 98 -58.37 42.66 -36.27
C LYS C 98 -57.10 42.80 -35.44
N ASN C 99 -56.97 43.93 -34.75
CA ASN C 99 -55.80 44.15 -33.89
C ASN C 99 -55.64 43.00 -32.91
N ILE C 100 -56.69 42.72 -32.15
CA ILE C 100 -56.66 41.64 -31.17
C ILE C 100 -56.41 40.31 -31.85
N THR C 101 -57.01 40.14 -33.02
CA THR C 101 -56.84 38.92 -33.77
C THR C 101 -55.40 38.70 -34.21
N ASP C 102 -54.78 39.73 -34.76
CA ASP C 102 -53.39 39.62 -35.20
C ASP C 102 -52.45 39.22 -34.07
N LYS C 103 -52.70 39.73 -32.87
CA LYS C 103 -51.86 39.42 -31.74
C LYS C 103 -52.05 37.97 -31.29
N ILE C 104 -53.27 37.48 -31.37
CA ILE C 104 -53.53 36.10 -30.97
C ILE C 104 -52.94 35.16 -32.02
N ASP C 105 -52.77 35.66 -33.25
CA ASP C 105 -52.18 34.86 -34.32
C ASP C 105 -50.67 34.75 -34.16
N GLN C 106 -50.08 35.81 -33.61
CA GLN C 106 -48.65 35.87 -33.40
C GLN C 106 -48.29 34.84 -32.32
N ILE C 107 -48.95 34.93 -31.17
CA ILE C 107 -48.67 34.00 -30.08
C ILE C 107 -48.79 32.57 -30.54
N ILE C 108 -49.70 32.28 -31.46
CA ILE C 108 -49.86 30.92 -31.96
C ILE C 108 -48.70 30.52 -32.87
N HIS C 109 -48.53 31.26 -33.96
CA HIS C 109 -47.44 31.02 -34.89
C HIS C 109 -46.11 30.87 -34.15
N ASP C 110 -45.78 31.87 -33.34
CA ASP C 110 -44.54 31.89 -32.57
C ASP C 110 -44.37 30.75 -31.57
N PHE C 111 -45.42 30.37 -30.85
CA PHE C 111 -45.28 29.33 -29.85
C PHE C 111 -46.03 28.01 -30.06
N VAL C 112 -47.31 28.05 -30.46
CA VAL C 112 -48.05 26.80 -30.65
C VAL C 112 -47.69 26.02 -31.92
N ASP C 113 -47.43 26.71 -33.04
CA ASP C 113 -47.03 26.01 -34.28
C ASP C 113 -45.55 25.63 -34.30
N GLN D 3 1.63 -6.94 -12.97
CA GLN D 3 2.77 -7.89 -12.92
C GLN D 3 4.01 -7.25 -12.29
N ILE D 4 3.80 -6.20 -11.49
CA ILE D 4 4.86 -5.53 -10.77
C ILE D 4 4.86 -6.31 -9.48
N GLU D 5 3.64 -6.55 -9.00
CA GLU D 5 3.41 -7.26 -7.77
C GLU D 5 3.81 -8.70 -7.98
N ASP D 6 4.10 -9.05 -9.23
CA ASP D 6 4.56 -10.40 -9.55
C ASP D 6 6.07 -10.47 -9.29
N LYS D 7 6.83 -9.57 -9.93
CA LYS D 7 8.26 -9.53 -9.76
C LYS D 7 8.62 -9.35 -8.29
N ILE D 8 7.71 -8.74 -7.54
CA ILE D 8 7.93 -8.54 -6.10
C ILE D 8 7.65 -9.82 -5.31
N GLU D 9 6.87 -10.73 -5.89
CA GLU D 9 6.58 -11.98 -5.22
C GLU D 9 7.74 -12.94 -5.46
N GLU D 10 8.38 -12.81 -6.62
CA GLU D 10 9.52 -13.66 -6.93
C GLU D 10 10.76 -13.19 -6.17
N ILE D 11 10.99 -11.89 -6.14
CA ILE D 11 12.12 -11.33 -5.41
C ILE D 11 12.02 -11.78 -3.96
N LEU D 12 10.79 -11.97 -3.51
CA LEU D 12 10.55 -12.42 -2.13
C LEU D 12 10.82 -13.91 -1.95
N SER D 13 10.65 -14.68 -3.02
CA SER D 13 10.89 -16.12 -2.97
C SER D 13 12.41 -16.32 -2.88
N LYS D 14 13.14 -15.64 -3.76
CA LYS D 14 14.59 -15.73 -3.76
C LYS D 14 15.09 -15.48 -2.35
N ILE D 15 14.84 -14.28 -1.84
CA ILE D 15 15.27 -13.90 -0.50
C ILE D 15 14.94 -14.95 0.54
N TYR D 16 13.85 -15.69 0.32
CA TYR D 16 13.43 -16.73 1.25
C TYR D 16 14.40 -17.90 1.15
N HIS D 17 14.73 -18.30 -0.07
CA HIS D 17 15.63 -19.40 -0.30
C HIS D 17 17.11 -19.09 -0.04
N ILE D 18 17.55 -17.87 -0.37
CA ILE D 18 18.94 -17.54 -0.11
C ILE D 18 19.09 -17.28 1.40
N GLU D 19 17.96 -17.25 2.10
CA GLU D 19 17.94 -17.07 3.56
C GLU D 19 18.15 -18.43 4.19
N ASN D 20 17.70 -19.45 3.48
CA ASN D 20 17.80 -20.88 3.88
C ASN D 20 19.26 -21.30 3.86
N GLU D 21 19.96 -20.91 2.79
CA GLU D 21 21.34 -21.27 2.60
C GLU D 21 22.17 -20.65 3.71
N ILE D 22 22.07 -19.32 3.83
CA ILE D 22 22.76 -18.58 4.88
C ILE D 22 22.76 -19.40 6.16
N ALA D 23 21.60 -19.93 6.51
CA ALA D 23 21.44 -20.75 7.71
C ALA D 23 22.24 -22.05 7.67
N ARG D 24 22.02 -22.86 6.63
CA ARG D 24 22.73 -24.14 6.54
C ARG D 24 24.25 -23.93 6.47
N ILE D 25 24.68 -22.88 5.78
CA ILE D 25 26.09 -22.60 5.69
C ILE D 25 26.61 -22.31 7.09
N LYS D 26 25.92 -21.46 7.82
CA LYS D 26 26.32 -21.12 9.17
C LYS D 26 26.47 -22.39 9.99
N LYS D 27 25.70 -23.41 9.63
CA LYS D 27 25.75 -24.70 10.33
C LYS D 27 27.09 -25.43 10.10
N LEU D 28 27.53 -25.46 8.86
CA LEU D 28 28.79 -26.15 8.56
C LEU D 28 29.85 -25.35 9.28
N ILE D 29 29.82 -24.04 9.08
CA ILE D 29 30.77 -23.14 9.72
C ILE D 29 30.62 -23.09 11.23
N GLY D 30 29.55 -23.70 11.74
CA GLY D 30 29.31 -23.68 13.16
C GLY D 30 30.16 -24.65 13.97
N GLU D 31 30.58 -25.73 13.32
CA GLU D 31 31.40 -26.71 13.99
C GLU D 31 32.73 -26.09 14.39
N ALA D 32 33.28 -25.28 13.50
CA ALA D 32 34.57 -24.62 13.69
C ALA D 32 34.83 -23.84 14.98
N ASP D 33 33.96 -23.94 15.96
CA ASP D 33 34.16 -23.21 17.21
C ASP D 33 34.57 -24.11 18.35
N GLY D 34 33.98 -25.29 18.39
CA GLY D 34 34.29 -26.23 19.45
C GLY D 34 35.54 -27.05 19.21
N LEU D 35 35.92 -27.20 17.95
CA LEU D 35 37.10 -27.96 17.62
C LEU D 35 38.25 -26.97 17.88
N ILE D 36 37.87 -25.71 18.04
CA ILE D 36 38.81 -24.64 18.27
C ILE D 36 39.28 -24.74 19.72
N GLU D 37 38.37 -25.11 20.62
CA GLU D 37 38.68 -25.25 22.04
C GLU D 37 39.20 -26.68 22.27
N GLY D 38 38.67 -27.59 21.47
CA GLY D 38 39.10 -28.99 21.54
C GLY D 38 40.55 -29.13 21.13
N LEU D 39 41.02 -28.17 20.34
CA LEU D 39 42.41 -28.18 19.90
C LEU D 39 43.26 -27.72 21.06
N ARG D 40 42.76 -26.74 21.82
CA ARG D 40 43.46 -26.24 22.99
C ARG D 40 43.53 -27.28 24.12
N GLN D 41 42.65 -28.26 24.07
CA GLN D 41 42.66 -29.27 25.12
C GLN D 41 43.51 -30.47 24.76
N LEU D 42 43.60 -30.79 23.47
CA LEU D 42 44.42 -31.92 23.05
C LEU D 42 45.87 -31.50 23.34
N ALA D 43 46.17 -30.24 23.01
CA ALA D 43 47.50 -29.68 23.22
C ALA D 43 47.81 -29.55 24.71
N ASN D 44 46.79 -29.58 25.56
CA ASN D 44 47.05 -29.45 26.98
C ASN D 44 47.39 -30.81 27.61
N GLU D 45 46.52 -31.80 27.38
CA GLU D 45 46.70 -33.15 27.91
C GLU D 45 48.01 -33.70 27.38
N THR D 46 48.21 -33.58 26.07
CA THR D 46 49.45 -34.06 25.44
C THR D 46 50.63 -33.44 26.17
N THR D 47 50.59 -32.13 26.30
CA THR D 47 51.65 -31.40 26.97
C THR D 47 51.87 -31.92 28.39
N GLN D 48 50.83 -32.51 28.98
CA GLN D 48 50.95 -33.03 30.33
C GLN D 48 51.57 -34.42 30.38
N ALA D 49 51.23 -35.26 29.40
CA ALA D 49 51.80 -36.59 29.35
C ALA D 49 53.26 -36.49 28.95
N LEU D 50 53.61 -35.44 28.23
CA LEU D 50 54.99 -35.24 27.80
C LEU D 50 55.87 -34.83 28.95
N GLN D 51 55.28 -34.16 29.94
CA GLN D 51 56.03 -33.73 31.09
C GLN D 51 56.27 -34.86 32.08
N LEU D 52 55.41 -35.88 32.04
CA LEU D 52 55.58 -37.01 32.92
C LEU D 52 56.66 -37.92 32.36
N PHE D 53 56.86 -37.86 31.05
CA PHE D 53 57.89 -38.66 30.41
C PHE D 53 59.27 -38.04 30.62
N LEU D 54 59.32 -36.70 30.62
CA LEU D 54 60.56 -35.97 30.85
C LEU D 54 60.96 -36.25 32.30
N ARG D 55 59.97 -36.38 33.18
CA ARG D 55 60.22 -36.64 34.58
C ARG D 55 60.87 -38.00 34.67
N ALA D 56 60.17 -39.01 34.16
CA ALA D 56 60.63 -40.38 34.17
C ALA D 56 61.96 -40.52 33.47
N THR D 57 62.04 -39.99 32.26
CA THR D 57 63.25 -40.08 31.48
C THR D 57 64.51 -39.51 32.14
N THR D 58 64.41 -38.40 32.86
CA THR D 58 65.62 -37.86 33.48
C THR D 58 65.98 -38.66 34.74
N GLU D 59 65.02 -39.34 35.33
CA GLU D 59 65.31 -40.16 36.50
C GLU D 59 66.10 -41.38 36.06
N LEU D 60 65.73 -41.94 34.92
CA LEU D 60 66.42 -43.09 34.36
C LEU D 60 67.85 -42.75 34.00
N ARG D 61 68.03 -41.59 33.37
CA ARG D 61 69.34 -41.15 32.95
C ARG D 61 70.28 -41.00 34.14
N THR D 62 69.85 -40.24 35.15
CA THR D 62 70.65 -40.03 36.38
C THR D 62 71.02 -41.36 37.05
N PHE D 63 70.00 -42.16 37.34
CA PHE D 63 70.12 -43.45 37.99
C PHE D 63 71.09 -44.38 37.24
N SER D 64 71.03 -44.42 35.91
CA SER D 64 71.92 -45.31 35.18
C SER D 64 73.33 -44.73 35.06
N ILE D 65 73.47 -43.41 35.17
CA ILE D 65 74.80 -42.81 35.10
C ILE D 65 75.49 -43.11 36.45
N LEU D 66 74.67 -43.30 37.48
CA LEU D 66 75.14 -43.62 38.81
C LEU D 66 75.57 -45.09 38.87
N ASN D 67 74.96 -45.93 38.04
CA ASN D 67 75.28 -47.35 37.99
C ASN D 67 76.61 -47.54 37.26
N ARG D 68 77.00 -46.55 36.48
CA ARG D 68 78.25 -46.67 35.76
C ARG D 68 79.36 -46.15 36.66
N LYS D 69 79.01 -45.26 37.59
CA LYS D 69 80.00 -44.74 38.52
C LYS D 69 80.46 -45.90 39.40
N ALA D 70 79.52 -46.77 39.76
CA ALA D 70 79.83 -47.92 40.57
C ALA D 70 80.60 -48.94 39.75
N ILE D 71 80.16 -49.15 38.51
CA ILE D 71 80.81 -50.10 37.62
C ILE D 71 82.22 -49.61 37.26
N ASP D 72 82.44 -48.31 37.35
CA ASP D 72 83.76 -47.76 37.04
C ASP D 72 84.73 -48.07 38.16
N PHE D 73 84.21 -48.08 39.37
CA PHE D 73 84.96 -48.38 40.58
C PHE D 73 85.42 -49.87 40.60
N LEU D 74 84.46 -50.77 40.43
CA LEU D 74 84.74 -52.19 40.45
C LEU D 74 85.69 -52.66 39.35
N LEU D 75 85.65 -52.02 38.19
CA LEU D 75 86.51 -52.42 37.09
C LEU D 75 87.86 -51.71 37.05
N GLN D 76 88.19 -51.02 38.13
CA GLN D 76 89.47 -50.32 38.23
C GLN D 76 90.57 -51.40 38.27
N ARG D 77 90.24 -52.52 38.92
CA ARG D 77 91.16 -53.64 39.03
C ARG D 77 91.11 -54.54 37.80
N TRP D 78 90.99 -53.93 36.63
CA TRP D 78 90.88 -54.66 35.36
C TRP D 78 91.25 -53.83 34.14
N GLY D 79 91.78 -52.64 34.37
CA GLY D 79 92.16 -51.78 33.26
C GLY D 79 91.09 -50.74 32.99
N GLY D 80 90.01 -50.81 33.76
CA GLY D 80 88.91 -49.88 33.57
C GLY D 80 87.83 -50.38 32.62
N THR D 81 86.68 -49.73 32.66
CA THR D 81 85.58 -50.10 31.79
C THR D 81 85.96 -50.02 30.33
N CYS D 82 86.70 -48.99 29.92
CA CYS D 82 87.11 -48.90 28.52
C CYS D 82 87.88 -50.12 28.09
N HIS D 83 88.32 -50.91 29.06
CA HIS D 83 89.04 -52.12 28.75
C HIS D 83 88.10 -53.29 28.56
N ILE D 84 87.14 -53.43 29.48
CA ILE D 84 86.20 -54.53 29.40
C ILE D 84 85.14 -54.28 28.32
N LEU D 85 84.82 -53.02 28.06
CA LEU D 85 83.77 -52.71 27.08
C LEU D 85 84.23 -52.32 25.69
N GLY D 86 85.43 -51.77 25.57
CA GLY D 86 85.87 -51.34 24.25
C GLY D 86 85.62 -49.84 24.11
N PRO D 87 85.54 -49.31 22.88
CA PRO D 87 85.31 -47.88 22.70
C PRO D 87 83.92 -47.47 23.13
N ASP D 88 83.02 -48.44 23.30
CA ASP D 88 81.65 -48.13 23.73
C ASP D 88 81.66 -47.50 25.11
N CYS D 89 82.80 -47.62 25.77
CA CYS D 89 82.98 -47.08 27.10
C CYS D 89 82.84 -45.57 27.07
N ARG D 90 82.89 -44.99 25.87
CA ARG D 90 82.79 -43.55 25.72
C ARG D 90 81.35 -43.05 25.57
N ILE D 91 80.46 -43.96 25.17
CA ILE D 91 79.06 -43.63 24.99
C ILE D 91 78.42 -43.24 26.32
N GLU D 92 77.75 -42.08 26.35
CA GLU D 92 77.04 -41.65 27.55
C GLU D 92 75.74 -40.96 27.13
N PRO D 93 74.67 -41.11 27.94
CA PRO D 93 73.36 -40.51 27.65
C PRO D 93 73.42 -39.01 27.69
N HIS D 94 72.98 -38.33 26.63
CA HIS D 94 72.99 -36.85 26.61
C HIS D 94 71.91 -36.28 27.51
N ASP D 95 71.98 -34.98 27.78
CA ASP D 95 70.95 -34.39 28.62
C ASP D 95 70.02 -33.58 27.74
N TRP D 96 68.93 -34.22 27.34
CA TRP D 96 67.93 -33.58 26.48
C TRP D 96 66.89 -32.79 27.25
N THR D 97 67.16 -32.51 28.53
CA THR D 97 66.22 -31.77 29.33
C THR D 97 65.79 -30.43 28.76
N LYS D 98 66.74 -29.57 28.40
CA LYS D 98 66.39 -28.26 27.85
C LYS D 98 65.66 -28.38 26.52
N ASN D 99 66.19 -29.20 25.63
CA ASN D 99 65.59 -29.40 24.32
C ASN D 99 64.14 -29.84 24.45
N ILE D 100 63.92 -30.90 25.22
CA ILE D 100 62.57 -31.38 25.42
C ILE D 100 61.71 -30.34 26.15
N THR D 101 62.32 -29.60 27.07
CA THR D 101 61.59 -28.57 27.80
C THR D 101 61.15 -27.44 26.87
N ASP D 102 62.05 -26.96 26.02
CA ASP D 102 61.70 -25.89 25.09
C ASP D 102 60.53 -26.25 24.19
N LYS D 103 60.45 -27.50 23.75
CA LYS D 103 59.36 -27.93 22.89
C LYS D 103 58.04 -27.98 23.65
N ILE D 104 58.11 -28.41 24.91
CA ILE D 104 56.92 -28.48 25.74
C ILE D 104 56.45 -27.06 26.04
N ASP D 105 57.36 -26.10 26.02
CA ASP D 105 56.97 -24.72 26.30
C ASP D 105 56.35 -24.09 25.07
N GLN D 106 56.73 -24.57 23.90
CA GLN D 106 56.18 -24.03 22.68
C GLN D 106 54.72 -24.44 22.57
N ILE D 107 54.47 -25.74 22.69
CA ILE D 107 53.12 -26.25 22.61
C ILE D 107 52.20 -25.53 23.59
N ILE D 108 52.72 -25.14 24.75
CA ILE D 108 51.90 -24.42 25.72
C ILE D 108 51.62 -23.00 25.26
N HIS D 109 52.67 -22.21 25.08
CA HIS D 109 52.48 -20.85 24.65
C HIS D 109 51.64 -20.76 23.38
N ASP D 110 51.96 -21.56 22.38
CA ASP D 110 51.21 -21.57 21.15
C ASP D 110 49.75 -22.01 21.27
N PHE D 111 49.46 -23.01 22.11
CA PHE D 111 48.07 -23.45 22.22
C PHE D 111 47.35 -23.29 23.54
N VAL D 112 48.00 -23.57 24.66
CA VAL D 112 47.25 -23.44 25.90
C VAL D 112 47.29 -22.14 26.70
N ASP D 113 48.49 -21.64 27.01
CA ASP D 113 48.69 -20.45 27.87
C ASP D 113 49.02 -19.08 27.27
N LYS D 114 50.31 -18.81 27.08
CA LYS D 114 50.75 -17.51 26.57
C LYS D 114 50.33 -16.39 27.52
N GLN E 3 1.67 1.66 -0.84
CA GLN E 3 2.39 0.66 -0.02
C GLN E 3 3.10 -0.39 -0.88
N ILE E 4 3.41 -0.06 -2.13
CA ILE E 4 4.16 -1.02 -2.91
C ILE E 4 5.58 -0.55 -2.69
N GLU E 5 5.73 0.76 -2.60
CA GLU E 5 7.01 1.37 -2.35
C GLU E 5 7.41 1.06 -0.90
N ASP E 6 6.49 0.44 -0.18
CA ASP E 6 6.72 0.00 1.20
C ASP E 6 7.42 -1.35 1.14
N LYS E 7 6.76 -2.33 0.51
CA LYS E 7 7.33 -3.66 0.42
C LYS E 7 8.69 -3.60 -0.28
N ILE E 8 8.92 -2.57 -1.09
CA ILE E 8 10.19 -2.41 -1.77
C ILE E 8 11.25 -1.84 -0.83
N GLU E 9 10.80 -1.20 0.25
CA GLU E 9 11.73 -0.65 1.22
C GLU E 9 12.15 -1.76 2.19
N GLU E 10 11.23 -2.69 2.43
CA GLU E 10 11.50 -3.84 3.29
C GLU E 10 12.41 -4.83 2.59
N ILE E 11 12.08 -5.16 1.33
CA ILE E 11 12.91 -6.09 0.55
C ILE E 11 14.32 -5.55 0.51
N LEU E 12 14.45 -4.23 0.54
CA LEU E 12 15.76 -3.58 0.54
C LEU E 12 16.48 -3.71 1.87
N SER E 13 15.74 -3.75 2.96
CA SER E 13 16.39 -3.90 4.27
C SER E 13 16.89 -5.32 4.43
N LYS E 14 16.06 -6.28 4.05
CA LYS E 14 16.44 -7.68 4.12
C LYS E 14 17.79 -7.80 3.41
N ILE E 15 17.78 -7.55 2.10
CA ILE E 15 19.00 -7.61 1.29
C ILE E 15 20.20 -6.95 1.93
N TYR E 16 19.96 -5.91 2.71
CA TYR E 16 21.02 -5.21 3.41
C TYR E 16 21.57 -6.07 4.53
N HIS E 17 20.67 -6.68 5.29
CA HIS E 17 21.14 -7.50 6.39
C HIS E 17 21.61 -8.88 5.99
N ILE E 18 21.05 -9.46 4.94
CA ILE E 18 21.55 -10.76 4.55
C ILE E 18 22.86 -10.53 3.77
N GLU E 19 23.19 -9.26 3.55
CA GLU E 19 24.43 -8.85 2.88
C GLU E 19 25.53 -8.81 3.95
N ASN E 20 25.11 -8.49 5.16
CA ASN E 20 26.02 -8.40 6.31
C ASN E 20 26.48 -9.77 6.72
N GLU E 21 25.56 -10.73 6.72
CA GLU E 21 25.87 -12.10 7.07
C GLU E 21 26.93 -12.65 6.12
N ILE E 22 26.59 -12.62 4.83
CA ILE E 22 27.49 -13.08 3.77
C ILE E 22 28.91 -12.66 4.14
N ALA E 23 29.06 -11.41 4.56
CA ALA E 23 30.36 -10.86 4.92
C ALA E 23 30.97 -11.57 6.12
N ARG E 24 30.24 -11.55 7.23
CA ARG E 24 30.70 -12.18 8.46
C ARG E 24 31.02 -13.66 8.26
N ILE E 25 30.18 -14.33 7.47
CA ILE E 25 30.35 -15.74 7.17
C ILE E 25 31.71 -15.91 6.46
N LYS E 26 31.93 -15.08 5.44
CA LYS E 26 33.17 -15.11 4.66
C LYS E 26 34.36 -14.96 5.60
N LYS E 27 34.15 -14.26 6.70
CA LYS E 27 35.23 -14.04 7.68
C LYS E 27 35.54 -15.35 8.42
N LEU E 28 34.46 -16.02 8.81
CA LEU E 28 34.51 -17.30 9.52
C LEU E 28 35.19 -18.36 8.70
N ILE E 29 35.17 -18.19 7.38
CA ILE E 29 35.81 -19.14 6.48
C ILE E 29 37.26 -19.28 6.93
N GLY E 30 37.80 -18.17 7.40
CA GLY E 30 39.18 -18.18 7.86
C GLY E 30 39.35 -19.01 9.11
N GLU E 31 38.44 -18.84 10.05
CA GLU E 31 38.51 -19.57 11.31
C GLU E 31 38.96 -20.99 11.05
N ALA E 32 38.17 -21.71 10.26
CA ALA E 32 38.49 -23.09 9.91
C ALA E 32 39.94 -23.23 9.47
N ASP E 33 40.32 -22.46 8.44
CA ASP E 33 41.69 -22.49 7.93
C ASP E 33 42.67 -22.28 9.07
N GLY E 34 42.22 -21.55 10.09
CA GLY E 34 43.04 -21.30 11.25
C GLY E 34 43.03 -22.54 12.13
N LEU E 35 41.86 -23.15 12.27
CA LEU E 35 41.74 -24.36 13.06
C LEU E 35 42.34 -25.53 12.28
N ILE E 36 42.49 -25.35 10.97
CA ILE E 36 43.04 -26.39 10.13
C ILE E 36 44.56 -26.25 10.09
N GLU E 37 45.05 -25.02 10.22
CA GLU E 37 46.47 -24.72 10.22
C GLU E 37 47.04 -24.97 11.61
N GLY E 38 46.28 -24.56 12.63
CA GLY E 38 46.67 -24.76 14.02
C GLY E 38 46.74 -26.24 14.36
N LEU E 39 46.01 -27.06 13.61
CA LEU E 39 46.01 -28.49 13.82
C LEU E 39 47.29 -29.04 13.22
N ARG E 40 47.71 -28.45 12.10
CA ARG E 40 48.94 -28.85 11.42
C ARG E 40 50.19 -28.42 12.22
N GLN E 41 50.01 -27.47 13.16
CA GLN E 41 51.13 -27.00 13.94
C GLN E 41 51.25 -27.78 15.23
N LEU E 42 50.13 -28.20 15.81
CA LEU E 42 50.19 -28.96 17.05
C LEU E 42 50.85 -30.29 16.70
N ALA E 43 50.45 -30.86 15.56
CA ALA E 43 51.00 -32.12 15.07
C ALA E 43 52.47 -31.98 14.71
N ASN E 44 52.95 -30.75 14.49
CA ASN E 44 54.36 -30.58 14.15
C ASN E 44 55.22 -30.56 15.39
N GLU E 45 54.91 -29.64 16.31
CA GLU E 45 55.66 -29.49 17.56
C GLU E 45 55.63 -30.81 18.32
N THR E 46 54.45 -31.40 18.42
CA THR E 46 54.31 -32.68 19.11
C THR E 46 55.27 -33.67 18.48
N THR E 47 55.20 -33.78 17.16
CA THR E 47 56.05 -34.69 16.41
C THR E 47 57.54 -34.42 16.69
N GLN E 48 57.86 -33.18 17.07
CA GLN E 48 59.24 -32.79 17.35
C GLN E 48 59.68 -33.17 18.74
N ALA E 49 58.80 -33.03 19.73
CA ALA E 49 59.14 -33.41 21.09
C ALA E 49 59.18 -34.93 21.19
N LEU E 50 58.48 -35.61 20.31
CA LEU E 50 58.49 -37.06 20.32
C LEU E 50 59.77 -37.62 19.73
N GLN E 51 60.41 -36.87 18.85
CA GLN E 51 61.67 -37.32 18.27
C GLN E 51 62.85 -37.08 19.22
N LEU E 52 62.71 -36.13 20.15
CA LEU E 52 63.78 -35.90 21.12
C LEU E 52 63.70 -36.96 22.22
N PHE E 53 62.52 -37.54 22.42
CA PHE E 53 62.38 -38.58 23.42
C PHE E 53 62.91 -39.90 22.87
N LEU E 54 62.71 -40.11 21.57
CA LEU E 54 63.19 -41.32 20.92
C LEU E 54 64.71 -41.26 20.96
N ARG E 55 65.23 -40.04 20.84
CA ARG E 55 66.67 -39.80 20.85
C ARG E 55 67.20 -40.21 22.22
N ALA E 56 66.65 -39.56 23.26
CA ALA E 56 67.02 -39.82 24.64
C ALA E 56 66.80 -41.28 25.01
N THR E 57 65.60 -41.76 24.74
CA THR E 57 65.24 -43.14 25.04
C THR E 57 66.17 -44.21 24.49
N THR E 58 66.65 -44.05 23.27
CA THR E 58 67.54 -45.06 22.70
C THR E 58 68.94 -44.94 23.28
N GLU E 59 69.31 -43.75 23.76
CA GLU E 59 70.62 -43.58 24.36
C GLU E 59 70.64 -44.27 25.73
N LEU E 60 69.52 -44.22 26.44
CA LEU E 60 69.43 -44.85 27.74
C LEU E 60 69.46 -46.37 27.58
N ARG E 61 68.76 -46.86 26.57
CA ARG E 61 68.71 -48.29 26.33
C ARG E 61 70.11 -48.86 26.04
N THR E 62 70.82 -48.24 25.09
CA THR E 62 72.16 -48.71 24.73
C THR E 62 73.12 -48.66 25.93
N PHE E 63 73.18 -47.50 26.57
CA PHE E 63 74.04 -47.25 27.72
C PHE E 63 73.80 -48.25 28.85
N SER E 64 72.54 -48.56 29.10
CA SER E 64 72.11 -49.50 30.12
C SER E 64 72.44 -50.94 29.75
N ILE E 65 72.42 -51.24 28.46
CA ILE E 65 72.73 -52.60 28.00
C ILE E 65 74.23 -52.81 28.13
N LEU E 66 74.96 -51.70 28.05
CA LEU E 66 76.41 -51.70 28.17
C LEU E 66 76.83 -51.91 29.63
N ASN E 67 76.00 -51.46 30.57
CA ASN E 67 76.28 -51.61 32.00
C ASN E 67 76.02 -53.04 32.42
N ARG E 68 75.25 -53.75 31.62
CA ARG E 68 74.98 -55.13 31.95
C ARG E 68 76.10 -55.99 31.38
N LYS E 69 76.73 -55.53 30.31
CA LYS E 69 77.83 -56.26 29.70
C LYS E 69 78.99 -56.25 30.72
N ALA E 70 79.14 -55.14 31.43
CA ALA E 70 80.18 -55.02 32.44
C ALA E 70 79.80 -55.87 33.66
N ILE E 71 78.54 -55.79 34.07
CA ILE E 71 78.07 -56.57 35.22
C ILE E 71 78.10 -58.06 34.90
N ASP E 72 78.07 -58.41 33.62
CA ASP E 72 78.11 -59.82 33.23
C ASP E 72 79.51 -60.37 33.44
N PHE E 73 80.49 -59.50 33.20
CA PHE E 73 81.90 -59.86 33.34
C PHE E 73 82.26 -60.07 34.81
N LEU E 74 81.95 -59.08 35.64
CA LEU E 74 82.24 -59.12 37.06
C LEU E 74 81.58 -60.28 37.80
N LEU E 75 80.37 -60.67 37.40
CA LEU E 75 79.67 -61.78 38.05
C LEU E 75 80.02 -63.15 37.50
N GLN E 76 81.03 -63.23 36.64
CA GLN E 76 81.43 -64.50 36.05
C GLN E 76 81.95 -65.38 37.17
N ARG E 77 82.73 -64.76 38.06
CA ARG E 77 83.30 -65.45 39.21
C ARG E 77 82.27 -65.65 40.33
N TRP E 78 81.05 -66.01 39.94
CA TRP E 78 79.95 -66.21 40.87
C TRP E 78 78.80 -67.02 40.29
N GLY E 79 79.03 -67.60 39.10
CA GLY E 79 78.01 -68.39 38.45
C GLY E 79 77.25 -67.58 37.41
N GLY E 80 77.62 -66.31 37.29
CA GLY E 80 76.97 -65.43 36.34
C GLY E 80 75.81 -64.64 36.89
N THR E 81 75.36 -63.62 36.13
CA THR E 81 74.24 -62.76 36.51
C THR E 81 73.00 -63.59 36.82
N CYS E 82 72.70 -64.53 35.93
CA CYS E 82 71.55 -65.39 36.12
C CYS E 82 71.57 -66.08 37.46
N HIS E 83 72.73 -66.11 38.09
CA HIS E 83 72.84 -66.73 39.40
C HIS E 83 72.54 -65.74 40.50
N ILE E 84 73.09 -64.54 40.37
CA ILE E 84 72.91 -63.47 41.34
C ILE E 84 71.53 -62.85 41.25
N LEU E 85 70.99 -62.78 40.03
CA LEU E 85 69.69 -62.13 39.84
C LEU E 85 68.47 -63.04 39.75
N GLY E 86 68.66 -64.29 39.34
CA GLY E 86 67.50 -65.16 39.21
C GLY E 86 67.09 -65.18 37.75
N PRO E 87 65.83 -65.50 37.40
CA PRO E 87 65.38 -65.55 36.02
C PRO E 87 65.27 -64.17 35.41
N ASP E 88 65.27 -63.14 36.26
CA ASP E 88 65.14 -61.76 35.80
C ASP E 88 66.34 -61.40 34.94
N CYS E 89 67.37 -62.23 35.04
CA CYS E 89 68.60 -62.03 34.29
C CYS E 89 68.34 -62.15 32.80
N ARG E 90 67.16 -62.65 32.43
CA ARG E 90 66.82 -62.81 31.01
C ARG E 90 66.10 -61.58 30.43
N ILE E 91 65.51 -60.77 31.30
CA ILE E 91 64.82 -59.56 30.86
C ILE E 91 65.83 -58.59 30.23
N GLU E 92 65.51 -58.09 29.04
CA GLU E 92 66.36 -57.09 28.36
C GLU E 92 65.44 -56.09 27.64
N PRO E 93 65.84 -54.82 27.56
CA PRO E 93 64.99 -53.83 26.88
C PRO E 93 64.88 -54.05 25.37
N HIS E 94 63.66 -54.04 24.84
CA HIS E 94 63.48 -54.25 23.41
C HIS E 94 63.84 -53.00 22.62
N ASP E 95 63.98 -53.14 21.31
CA ASP E 95 64.31 -51.99 20.50
C ASP E 95 63.05 -51.50 19.78
N TRP E 96 62.41 -50.50 20.40
CA TRP E 96 61.18 -49.89 19.90
C TRP E 96 61.44 -48.79 18.90
N THR E 97 62.68 -48.67 18.44
CA THR E 97 63.05 -47.63 17.48
C THR E 97 62.17 -47.57 16.24
N LYS E 98 62.03 -48.67 15.50
CA LYS E 98 61.20 -48.61 14.29
C LYS E 98 59.72 -48.38 14.59
N ASN E 99 59.19 -49.10 15.58
CA ASN E 99 57.80 -48.93 15.99
C ASN E 99 57.51 -47.46 16.27
N ILE E 100 58.30 -46.86 17.16
CA ILE E 100 58.12 -45.47 17.51
C ILE E 100 58.34 -44.59 16.28
N THR E 101 59.31 -44.96 15.46
CA THR E 101 59.61 -44.20 14.26
C THR E 101 58.42 -44.18 13.30
N ASP E 102 57.85 -45.36 13.05
CA ASP E 102 56.71 -45.44 12.14
C ASP E 102 55.53 -44.59 12.57
N LYS E 103 55.27 -44.49 13.88
CA LYS E 103 54.14 -43.71 14.31
C LYS E 103 54.43 -42.22 14.18
N ILE E 104 55.69 -41.83 14.39
CA ILE E 104 56.06 -40.43 14.24
C ILE E 104 55.99 -40.04 12.77
N ASP E 105 56.15 -41.03 11.89
CA ASP E 105 56.09 -40.77 10.44
C ASP E 105 54.64 -40.64 9.96
N GLN E 106 53.73 -41.32 10.65
CA GLN E 106 52.31 -41.28 10.32
C GLN E 106 51.81 -39.89 10.66
N ILE E 107 52.03 -39.47 11.90
CA ILE E 107 51.60 -38.16 12.36
C ILE E 107 52.08 -37.06 11.40
N ILE E 108 53.28 -37.22 10.84
CA ILE E 108 53.81 -36.22 9.90
C ILE E 108 53.06 -36.28 8.58
N HIS E 109 53.15 -37.41 7.90
CA HIS E 109 52.47 -37.61 6.62
C HIS E 109 51.02 -37.16 6.68
N ASP E 110 50.30 -37.69 7.66
CA ASP E 110 48.90 -37.36 7.83
C ASP E 110 48.58 -35.90 8.16
N PHE E 111 49.40 -35.24 8.98
CA PHE E 111 49.10 -33.85 9.33
C PHE E 111 50.08 -32.77 8.88
N VAL E 112 51.38 -33.00 9.02
CA VAL E 112 52.34 -31.97 8.66
C VAL E 112 52.73 -31.80 7.20
N ASP E 113 53.26 -32.81 6.52
CA ASP E 113 53.62 -32.57 5.12
C ASP E 113 52.57 -33.07 4.15
N GLN F 3 9.73 4.59 -12.81
CA GLN F 3 11.02 4.21 -12.18
C GLN F 3 10.83 3.39 -10.90
N ILE F 4 9.71 2.68 -10.82
CA ILE F 4 9.47 1.79 -9.69
C ILE F 4 9.99 0.49 -10.26
N GLU F 5 9.72 0.30 -11.55
CA GLU F 5 10.12 -0.87 -12.31
C GLU F 5 11.63 -0.81 -12.46
N ASP F 6 12.22 0.33 -12.09
CA ASP F 6 13.67 0.47 -12.14
C ASP F 6 14.26 -0.09 -10.84
N LYS F 7 13.79 0.41 -9.70
CA LYS F 7 14.26 -0.05 -8.42
C LYS F 7 14.07 -1.57 -8.32
N ILE F 8 13.08 -2.09 -9.04
CA ILE F 8 12.82 -3.53 -9.03
C ILE F 8 13.79 -4.28 -9.92
N GLU F 9 14.42 -3.58 -10.85
CA GLU F 9 15.38 -4.22 -11.73
C GLU F 9 16.73 -4.27 -11.02
N GLU F 10 16.98 -3.29 -10.16
CA GLU F 10 18.24 -3.26 -9.43
C GLU F 10 18.17 -4.25 -8.27
N ILE F 11 17.06 -4.26 -7.53
CA ILE F 11 16.89 -5.21 -6.43
C ILE F 11 17.09 -6.61 -6.97
N LEU F 12 16.76 -6.79 -8.25
CA LEU F 12 16.93 -8.08 -8.89
C LEU F 12 18.37 -8.38 -9.25
N SER F 13 19.14 -7.34 -9.52
CA SER F 13 20.55 -7.53 -9.86
C SER F 13 21.30 -7.91 -8.59
N LYS F 14 21.00 -7.19 -7.51
CA LYS F 14 21.62 -7.45 -6.22
C LYS F 14 21.45 -8.95 -5.95
N ILE F 15 20.20 -9.35 -5.80
CA ILE F 15 19.86 -10.73 -5.53
C ILE F 15 20.58 -11.73 -6.42
N TYR F 16 20.88 -11.34 -7.65
CA TYR F 16 21.59 -12.25 -8.57
C TYR F 16 23.05 -12.35 -8.13
N HIS F 17 23.64 -11.21 -7.79
CA HIS F 17 25.01 -11.15 -7.33
C HIS F 17 25.24 -11.76 -5.96
N ILE F 18 24.35 -11.50 -4.99
CA ILE F 18 24.58 -12.07 -3.68
C ILE F 18 24.18 -13.53 -3.71
N GLU F 19 23.74 -13.97 -4.87
CA GLU F 19 23.32 -15.34 -5.07
C GLU F 19 24.57 -16.07 -5.56
N ASN F 20 25.44 -15.36 -6.27
CA ASN F 20 26.67 -15.98 -6.75
C ASN F 20 27.67 -16.16 -5.61
N GLU F 21 27.68 -15.22 -4.67
CA GLU F 21 28.54 -15.30 -3.49
C GLU F 21 28.17 -16.57 -2.72
N ILE F 22 26.90 -16.64 -2.30
CA ILE F 22 26.40 -17.78 -1.55
C ILE F 22 26.99 -19.06 -2.13
N ALA F 23 26.99 -19.16 -3.45
CA ALA F 23 27.53 -20.34 -4.11
C ALA F 23 29.02 -20.52 -3.88
N ARG F 24 29.79 -19.49 -4.23
CA ARG F 24 31.24 -19.51 -4.06
C ARG F 24 31.62 -19.79 -2.61
N ILE F 25 30.92 -19.18 -1.66
CA ILE F 25 31.20 -19.42 -0.24
C ILE F 25 30.97 -20.89 0.05
N LYS F 26 29.84 -21.41 -0.42
CA LYS F 26 29.50 -22.82 -0.26
C LYS F 26 30.68 -23.68 -0.69
N LYS F 27 31.39 -23.21 -1.71
CA LYS F 27 32.52 -23.95 -2.24
C LYS F 27 33.68 -24.04 -1.26
N LEU F 28 33.89 -23.01 -0.48
CA LEU F 28 35.00 -23.05 0.44
C LEU F 28 34.64 -23.80 1.72
N ILE F 29 33.39 -23.65 2.15
CA ILE F 29 32.92 -24.31 3.36
C ILE F 29 32.99 -25.83 3.33
N GLY F 30 32.97 -26.41 2.14
CA GLY F 30 32.98 -27.86 2.01
C GLY F 30 34.14 -28.61 2.61
N GLU F 31 35.33 -28.30 2.10
CA GLU F 31 36.56 -28.94 2.53
C GLU F 31 36.89 -29.11 4.01
N ALA F 32 36.03 -28.68 4.94
CA ALA F 32 36.46 -28.81 6.33
C ALA F 32 35.59 -29.21 7.52
N ASP F 33 34.57 -30.03 7.35
CA ASP F 33 33.89 -30.35 8.62
C ASP F 33 34.40 -31.63 9.24
N GLY F 34 34.96 -32.49 8.40
CA GLY F 34 35.54 -33.69 8.92
C GLY F 34 36.80 -33.19 9.59
N LEU F 35 36.71 -31.99 10.15
CA LEU F 35 37.82 -31.39 10.85
C LEU F 35 37.83 -32.03 12.21
N ILE F 36 36.62 -32.28 12.70
CA ILE F 36 36.47 -32.89 14.00
C ILE F 36 37.01 -34.32 13.88
N GLU F 37 37.14 -34.83 12.66
CA GLU F 37 37.70 -36.15 12.46
C GLU F 37 39.23 -36.03 12.37
N GLY F 38 39.74 -34.84 12.02
CA GLY F 38 41.18 -34.65 11.95
C GLY F 38 41.73 -34.46 13.37
N LEU F 39 40.88 -33.93 14.24
CA LEU F 39 41.21 -33.69 15.64
C LEU F 39 41.21 -35.07 16.33
N ARG F 40 40.23 -35.90 15.97
CA ARG F 40 40.10 -37.25 16.52
C ARG F 40 41.23 -38.14 16.06
N GLN F 41 41.88 -37.77 14.96
CA GLN F 41 42.93 -38.62 14.47
C GLN F 41 44.31 -38.23 15.00
N LEU F 42 44.50 -36.93 15.27
CA LEU F 42 45.78 -36.48 15.81
C LEU F 42 45.86 -37.08 17.21
N ALA F 43 44.73 -37.02 17.93
CA ALA F 43 44.61 -37.55 19.27
C ALA F 43 44.76 -39.06 19.31
N ASN F 44 44.57 -39.71 18.16
CA ASN F 44 44.67 -41.17 18.10
C ASN F 44 46.13 -41.59 17.94
N GLU F 45 46.78 -41.09 16.89
CA GLU F 45 48.17 -41.41 16.58
C GLU F 45 49.04 -41.02 17.78
N THR F 46 48.83 -39.78 18.24
CA THR F 46 49.58 -39.27 19.39
C THR F 46 49.46 -40.25 20.53
N THR F 47 48.22 -40.62 20.84
CA THR F 47 47.95 -41.55 21.91
C THR F 47 48.66 -42.89 21.66
N GLN F 48 48.95 -43.21 20.40
CA GLN F 48 49.63 -44.46 20.08
C GLN F 48 51.13 -44.40 20.25
N ALA F 49 51.70 -43.25 19.92
CA ALA F 49 53.13 -43.05 20.07
C ALA F 49 53.46 -42.93 21.55
N LEU F 50 52.51 -42.45 22.36
CA LEU F 50 52.76 -42.32 23.77
C LEU F 50 52.69 -43.65 24.49
N GLN F 51 51.98 -44.62 23.92
CA GLN F 51 51.89 -45.95 24.51
C GLN F 51 53.16 -46.76 24.22
N LEU F 52 53.86 -46.41 23.13
CA LEU F 52 55.08 -47.12 22.79
C LEU F 52 56.24 -46.59 23.64
N PHE F 53 56.12 -45.36 24.11
CA PHE F 53 57.16 -44.78 24.96
C PHE F 53 56.99 -45.29 26.39
N LEU F 54 55.75 -45.52 26.80
CA LEU F 54 55.46 -46.05 28.12
C LEU F 54 55.98 -47.48 28.14
N ARG F 55 55.88 -48.15 27.01
CA ARG F 55 56.35 -49.52 26.90
C ARG F 55 57.86 -49.52 27.08
N ALA F 56 58.55 -48.74 26.25
CA ALA F 56 60.00 -48.63 26.28
C ALA F 56 60.45 -48.11 27.65
N THR F 57 59.88 -47.00 28.08
CA THR F 57 60.24 -46.43 29.38
C THR F 57 60.16 -47.37 30.57
N THR F 58 59.14 -48.22 30.64
CA THR F 58 59.08 -49.12 31.80
C THR F 58 60.07 -50.28 31.66
N GLU F 59 60.50 -50.58 30.43
CA GLU F 59 61.48 -51.64 30.24
C GLU F 59 62.84 -51.15 30.72
N LEU F 60 63.13 -49.88 30.46
CA LEU F 60 64.40 -49.31 30.89
C LEU F 60 64.44 -49.22 32.42
N ARG F 61 63.33 -48.83 33.03
CA ARG F 61 63.28 -48.71 34.47
C ARG F 61 63.55 -50.05 35.15
N THR F 62 62.83 -51.09 34.75
CA THR F 62 63.00 -52.42 35.31
C THR F 62 64.43 -52.94 35.13
N PHE F 63 64.91 -52.93 33.90
CA PHE F 63 66.24 -53.39 33.53
C PHE F 63 67.33 -52.65 34.31
N SER F 64 67.20 -51.34 34.48
CA SER F 64 68.21 -50.59 35.21
C SER F 64 68.11 -50.80 36.73
N ILE F 65 66.92 -51.17 37.22
CA ILE F 65 66.78 -51.41 38.65
C ILE F 65 67.41 -52.78 38.93
N LEU F 66 67.44 -53.61 37.91
CA LEU F 66 68.03 -54.94 38.00
C LEU F 66 69.57 -54.83 37.96
N ASN F 67 70.12 -53.80 37.31
CA ASN F 67 71.55 -53.65 37.27
C ASN F 67 72.05 -53.05 38.57
N ARG F 68 71.14 -52.51 39.37
CA ARG F 68 71.53 -51.97 40.65
C ARG F 68 71.51 -53.11 41.66
N LYS F 69 70.66 -54.10 41.42
CA LYS F 69 70.57 -55.26 42.30
C LYS F 69 71.90 -56.02 42.21
N ALA F 70 72.48 -56.07 41.02
CA ALA F 70 73.75 -56.74 40.81
C ALA F 70 74.86 -55.88 41.41
N ILE F 71 74.78 -54.57 41.19
CA ILE F 71 75.78 -53.65 41.72
C ILE F 71 75.72 -53.61 43.24
N ASP F 72 74.58 -53.97 43.81
CA ASP F 72 74.48 -53.96 45.28
C ASP F 72 75.18 -55.16 45.86
N PHE F 73 75.16 -56.25 45.11
CA PHE F 73 75.79 -57.51 45.50
C PHE F 73 77.32 -57.36 45.49
N LEU F 74 77.84 -56.88 44.37
CA LEU F 74 79.27 -56.67 44.18
C LEU F 74 79.90 -55.70 45.18
N LEU F 75 79.18 -54.64 45.55
CA LEU F 75 79.71 -53.66 46.50
C LEU F 75 79.47 -53.98 47.97
N GLN F 76 79.03 -55.20 48.25
CA GLN F 76 78.79 -55.61 49.62
C GLN F 76 80.13 -55.68 50.35
N ARG F 77 81.14 -56.19 49.66
CA ARG F 77 82.50 -56.31 50.18
C ARG F 77 83.19 -54.93 50.13
N TRP F 78 82.45 -53.88 50.47
CA TRP F 78 82.96 -52.50 50.45
C TRP F 78 82.18 -51.52 51.28
N GLY F 79 81.23 -52.02 52.06
CA GLY F 79 80.40 -51.12 52.85
C GLY F 79 79.07 -50.83 52.16
N GLY F 80 78.95 -51.32 50.93
CA GLY F 80 77.72 -51.14 50.16
C GLY F 80 77.74 -49.96 49.23
N THR F 81 76.77 -49.89 48.32
CA THR F 81 76.65 -48.82 47.34
C THR F 81 76.69 -47.47 47.99
N CYS F 82 75.90 -47.30 49.04
CA CYS F 82 75.85 -46.02 49.72
C CYS F 82 77.21 -45.53 50.15
N HIS F 83 78.16 -46.46 50.19
CA HIS F 83 79.52 -46.13 50.57
C HIS F 83 80.34 -45.67 49.39
N ILE F 84 80.22 -46.37 48.28
CA ILE F 84 80.96 -46.03 47.08
C ILE F 84 80.36 -44.82 46.37
N LEU F 85 79.03 -44.69 46.42
CA LEU F 85 78.36 -43.58 45.74
C LEU F 85 77.98 -42.35 46.55
N GLY F 86 77.84 -42.49 47.87
CA GLY F 86 77.44 -41.35 48.66
C GLY F 86 75.93 -41.40 48.85
N PRO F 87 75.29 -40.28 49.23
CA PRO F 87 73.84 -40.27 49.44
C PRO F 87 73.05 -40.46 48.15
N ASP F 88 73.69 -40.32 46.99
CA ASP F 88 72.95 -40.53 45.76
C ASP F 88 72.56 -41.97 45.62
N CYS F 89 73.07 -42.79 46.53
CA CYS F 89 72.78 -44.20 46.54
C CYS F 89 71.30 -44.42 46.86
N ARG F 90 70.63 -43.35 47.31
CA ARG F 90 69.21 -43.41 47.65
C ARG F 90 68.32 -43.10 46.47
N ILE F 91 68.85 -42.33 45.52
CA ILE F 91 68.10 -41.98 44.32
C ILE F 91 67.64 -43.23 43.61
N GLU F 92 66.35 -43.31 43.30
CA GLU F 92 65.83 -44.45 42.57
C GLU F 92 64.74 -43.95 41.63
N PRO F 93 64.59 -44.61 40.49
CA PRO F 93 63.56 -44.14 39.56
C PRO F 93 62.15 -44.54 39.98
N HIS F 94 61.24 -43.58 40.00
CA HIS F 94 59.85 -43.84 40.41
C HIS F 94 59.09 -44.58 39.34
N ASP F 95 57.94 -45.12 39.72
CA ASP F 95 57.13 -45.84 38.76
C ASP F 95 55.99 -44.95 38.30
N TRP F 96 56.21 -44.24 37.19
CA TRP F 96 55.20 -43.33 36.64
C TRP F 96 54.22 -44.04 35.70
N THR F 97 54.21 -45.37 35.75
CA THR F 97 53.31 -46.16 34.92
C THR F 97 51.84 -45.74 34.99
N LYS F 98 51.27 -45.73 36.19
CA LYS F 98 49.86 -45.36 36.39
C LYS F 98 49.60 -43.92 35.94
N ASN F 99 50.45 -43.02 36.42
CA ASN F 99 50.34 -41.59 36.10
C ASN F 99 50.26 -41.40 34.60
N ILE F 100 51.28 -41.90 33.89
CA ILE F 100 51.33 -41.76 32.45
C ILE F 100 50.17 -42.48 31.79
N THR F 101 49.79 -43.63 32.35
CA THR F 101 48.66 -44.39 31.84
C THR F 101 47.36 -43.60 31.90
N ASP F 102 47.08 -43.03 33.07
CA ASP F 102 45.86 -42.27 33.25
C ASP F 102 45.72 -41.12 32.26
N LYS F 103 46.83 -40.47 31.94
CA LYS F 103 46.79 -39.35 31.04
C LYS F 103 46.55 -39.81 29.62
N ILE F 104 47.11 -40.96 29.26
CA ILE F 104 46.90 -41.48 27.92
C ILE F 104 45.47 -41.98 27.78
N ASP F 105 44.83 -42.32 28.89
CA ASP F 105 43.45 -42.78 28.84
C ASP F 105 42.49 -41.60 28.74
N GLN F 106 42.93 -40.46 29.25
CA GLN F 106 42.14 -39.25 29.21
C GLN F 106 42.07 -38.80 27.75
N ILE F 107 43.23 -38.62 27.13
CA ILE F 107 43.30 -38.22 25.73
C ILE F 107 42.43 -39.10 24.84
N ILE F 108 42.35 -40.39 25.16
CA ILE F 108 41.52 -41.32 24.39
C ILE F 108 40.04 -41.07 24.61
N HIS F 109 39.59 -41.27 25.85
CA HIS F 109 38.20 -41.05 26.22
C HIS F 109 37.69 -39.69 25.71
N ASP F 110 38.43 -38.63 26.01
CA ASP F 110 38.05 -37.29 25.58
C ASP F 110 38.04 -37.06 24.06
N PHE F 111 38.96 -37.66 23.32
CA PHE F 111 39.03 -37.41 21.89
C PHE F 111 38.82 -38.56 20.93
N VAL F 112 39.43 -39.70 21.22
CA VAL F 112 39.34 -40.86 20.34
C VAL F 112 38.03 -41.67 20.32
N ASP F 113 37.61 -42.31 21.40
CA ASP F 113 36.34 -43.00 21.27
C ASP F 113 35.20 -42.06 21.65
N LYS F 114 35.47 -40.75 21.61
CA LYS F 114 34.50 -39.73 22.01
C LYS F 114 33.85 -38.98 20.87
N THR F 115 32.52 -38.91 20.92
CA THR F 115 31.76 -38.22 19.94
C THR F 115 31.40 -36.79 20.24
#